data_1EK2
#
_entry.id   1EK2
#
_cell.length_a   151.900
_cell.length_b   143.000
_cell.length_c   60.000
_cell.angle_alpha   90.00
_cell.angle_beta   90.00
_cell.angle_gamma   90.00
#
_symmetry.space_group_name_H-M   'P 21 21 2'
#
loop_
_entity.id
_entity.type
_entity.pdbx_description
1 polymer 'EPOXIDE HYDROLASE'
2 non-polymer "N-CYCLOHEXYL-N'-DECYLUREA"
3 water water
#
_entity_poly.entity_id   1
_entity_poly.type   'polypeptide(L)'
_entity_poly.pdbx_seq_one_letter_code
;MALRVAAFDLDGVLALPSIAGAFRRSEEALALPRDFLLGAYQTEFPEGPTEQLMKGKITFSQWVPLMDESYRKSSKACGA
NLPENFSISQIFSQAMAARSINRPMLQAAIALKKKGFTTCIVTNNWLDDGDKRDSLAQMMCELSQHFDFLIESCQVGMIK
PEPQIYNFLLDTLKAKPNEVVFLDDFGSNLKPARDMGMVTILVHNTASALRELEKVTGTQFPEAPLPVPCNPNDVSHGYV
TVKPGIRLHFVEMGSGPALCLCHGFPESWFSWRYQIPALAQAGFRVLAIDMKGYGDSSSPPEIEEYAMELLCKEMVTFLD
KLGIPQAVFIGHDWAGVMVWNMALFYPERVRAVASLNTPFMPPDPDVSPMKVIRSIPVFNYQLYFQEPGVAEAELEKNMS
RTFKSFFRASDETGFIAVHKATEIGGILVNTPEDPNLSKITTEEEIEFYIQQFKKTGFRGPLNWYRNTERNWKWSCKGLG
RKILVPALMVTAEKDIVLRPEMSKNMEKWIPFLKRGHIEDCGHWTQIEKPTEVNQILIKWLQTEVQNPSVTSKI
;
_entity_poly.pdbx_strand_id   A,B
#
loop_
_chem_comp.id
_chem_comp.type
_chem_comp.name
_chem_comp.formula
CDU non-polymer N-CYCLOHEXYL-N'-DECYLUREA 'C17 H34 N2 O'
#
# COMPACT_ATOMS: atom_id res chain seq x y z
N ARG A 4 -19.94 23.66 21.50
CA ARG A 4 -19.13 23.56 22.75
C ARG A 4 -18.02 22.55 22.54
N VAL A 5 -17.28 22.27 23.61
CA VAL A 5 -16.17 21.34 23.51
C VAL A 5 -16.20 20.26 24.58
N ALA A 6 -15.54 19.13 24.29
CA ALA A 6 -15.47 18.01 25.21
C ALA A 6 -14.03 17.54 25.42
N ALA A 7 -13.60 17.52 26.68
CA ALA A 7 -12.25 17.11 27.00
C ALA A 7 -12.19 15.80 27.76
N PHE A 8 -11.24 14.94 27.38
CA PHE A 8 -11.10 13.65 28.03
C PHE A 8 -9.71 13.26 28.47
N ASP A 9 -9.60 12.77 29.70
CA ASP A 9 -8.31 12.29 30.19
C ASP A 9 -8.09 10.96 29.44
N LEU A 10 -7.07 10.21 29.82
CA LEU A 10 -6.75 8.95 29.16
C LEU A 10 -6.38 7.89 30.18
N ASP A 11 -5.67 8.31 31.22
CA ASP A 11 -5.21 7.44 32.30
C ASP A 11 -6.18 6.27 32.55
N GLY A 12 -7.48 6.53 32.27
CA GLY A 12 -8.52 5.54 32.44
C GLY A 12 -9.92 6.06 32.10
N VAL A 13 -10.02 6.89 31.05
CA VAL A 13 -11.32 7.46 30.61
C VAL A 13 -11.58 7.12 29.14
N LEU A 14 -10.53 6.72 28.43
CA LEU A 14 -10.67 6.34 27.05
C LEU A 14 -9.80 5.09 26.85
N ALA A 15 -9.42 4.47 27.96
CA ALA A 15 -8.60 3.26 27.93
C ALA A 15 -8.70 2.59 29.29
N LEU A 16 -8.90 1.28 29.28
CA LEU A 16 -9.01 0.51 30.49
C LEU A 16 -8.50 -0.90 30.23
N PRO A 17 -7.98 -1.59 31.27
CA PRO A 17 -7.84 -1.16 32.68
C PRO A 17 -7.12 0.18 32.87
N SER A 18 -7.55 0.95 33.87
CA SER A 18 -6.94 2.25 34.13
C SER A 18 -5.42 2.16 34.40
N ILE A 19 -5.00 2.58 35.60
CA ILE A 19 -3.59 2.57 35.97
C ILE A 19 -3.40 3.03 37.42
N GLY A 48 7.07 15.16 42.06
CA GLY A 48 8.11 14.10 42.24
C GLY A 48 9.18 14.14 41.14
N PRO A 49 10.01 13.10 41.04
CA PRO A 49 11.08 13.03 40.03
C PRO A 49 10.53 12.50 38.71
N THR A 50 9.88 11.35 38.76
CA THR A 50 9.28 10.76 37.57
C THR A 50 8.03 11.61 37.27
N GLU A 51 7.87 12.67 38.06
CA GLU A 51 6.79 13.64 37.89
C GLU A 51 7.29 14.54 36.76
N GLN A 52 8.52 14.23 36.33
CA GLN A 52 9.20 14.94 35.26
C GLN A 52 9.09 14.02 34.05
N LEU A 53 8.79 12.75 34.30
CA LEU A 53 8.62 11.77 33.25
C LEU A 53 7.39 12.21 32.50
N MET A 54 6.43 12.73 33.28
CA MET A 54 5.18 13.24 32.76
C MET A 54 5.45 14.46 31.89
N LYS A 55 6.24 15.39 32.44
CA LYS A 55 6.58 16.64 31.77
C LYS A 55 7.35 16.43 30.46
N GLY A 56 8.12 15.35 30.37
CA GLY A 56 8.83 15.05 29.13
C GLY A 56 10.34 15.21 29.06
N LYS A 57 10.99 15.53 30.17
CA LYS A 57 12.44 15.69 30.16
C LYS A 57 13.07 14.31 30.12
N ILE A 58 12.31 13.35 30.64
CA ILE A 58 12.75 11.96 30.71
C ILE A 58 11.82 11.05 29.91
N THR A 59 12.38 9.98 29.36
CA THR A 59 11.60 9.01 28.59
C THR A 59 11.18 7.84 29.49
N PHE A 60 10.76 6.76 28.86
CA PHE A 60 10.34 5.59 29.60
C PHE A 60 11.58 4.86 30.08
N SER A 61 12.40 4.45 29.13
CA SER A 61 13.62 3.72 29.43
C SER A 61 14.52 4.56 30.34
N GLN A 62 13.90 5.40 31.16
CA GLN A 62 14.63 6.25 32.09
C GLN A 62 14.12 6.02 33.53
N TRP A 63 14.98 5.34 34.30
CA TRP A 63 14.79 5.00 35.72
C TRP A 63 15.71 3.83 36.08
N GLN A 90 11.26 -2.71 36.96
CA GLN A 90 10.16 -2.37 36.01
C GLN A 90 8.88 -2.94 36.59
N ILE A 91 8.74 -4.25 36.46
CA ILE A 91 7.58 -5.01 36.95
C ILE A 91 6.24 -4.29 36.77
N PHE A 92 6.17 -3.40 35.77
CA PHE A 92 4.96 -2.60 35.53
C PHE A 92 4.55 -2.49 34.05
N SER A 93 5.53 -2.48 33.16
CA SER A 93 5.32 -2.33 31.72
C SER A 93 4.05 -2.96 31.16
N GLN A 94 3.99 -4.28 31.20
CA GLN A 94 2.86 -5.06 30.72
C GLN A 94 1.49 -4.36 30.91
N ALA A 95 1.31 -3.69 32.04
CA ALA A 95 0.05 -3.01 32.38
C ALA A 95 -0.47 -2.01 31.34
N MET A 96 0.44 -1.28 30.68
CA MET A 96 0.05 -0.30 29.67
C MET A 96 -0.44 -0.98 28.39
N ALA A 97 -0.08 -2.25 28.22
CA ALA A 97 -0.46 -3.04 27.04
C ALA A 97 -1.79 -3.77 27.22
N ALA A 98 -2.17 -4.03 28.47
CA ALA A 98 -3.41 -4.72 28.77
C ALA A 98 -4.62 -3.84 28.50
N ARG A 99 -4.49 -2.54 28.76
CA ARG A 99 -5.59 -1.62 28.56
C ARG A 99 -5.86 -1.31 27.09
N SER A 100 -7.15 -1.21 26.75
CA SER A 100 -7.61 -0.93 25.39
C SER A 100 -8.59 0.25 25.38
N ILE A 101 -9.09 0.60 24.20
CA ILE A 101 -10.01 1.73 24.08
C ILE A 101 -11.32 1.49 24.80
N ASN A 102 -11.84 2.56 25.40
CA ASN A 102 -13.10 2.53 26.14
C ASN A 102 -14.19 2.93 25.17
N ARG A 103 -14.46 2.02 24.24
CA ARG A 103 -15.43 2.20 23.17
C ARG A 103 -16.67 3.06 23.41
N PRO A 104 -17.51 2.70 24.38
CA PRO A 104 -18.71 3.54 24.58
C PRO A 104 -18.37 5.01 24.79
N MET A 105 -17.19 5.26 25.36
CA MET A 105 -16.72 6.61 25.61
C MET A 105 -16.28 7.21 24.29
N LEU A 106 -15.56 6.41 23.51
CA LEU A 106 -15.11 6.88 22.21
C LEU A 106 -16.40 7.17 21.42
N GLN A 107 -17.43 6.40 21.71
CA GLN A 107 -18.69 6.60 21.05
C GLN A 107 -19.13 7.99 21.49
N ALA A 108 -19.35 8.13 22.80
CA ALA A 108 -19.78 9.40 23.37
C ALA A 108 -19.05 10.57 22.72
N ALA A 109 -17.85 10.33 22.21
CA ALA A 109 -17.09 11.40 21.57
C ALA A 109 -17.59 11.71 20.16
N ILE A 110 -17.49 10.73 19.25
CA ILE A 110 -17.94 10.93 17.88
C ILE A 110 -19.33 11.53 17.91
N ALA A 111 -20.06 11.18 18.96
CA ALA A 111 -21.40 11.65 19.16
C ALA A 111 -21.40 13.17 19.05
N LEU A 112 -20.73 13.80 20.01
CA LEU A 112 -20.61 15.25 20.06
C LEU A 112 -19.95 15.74 18.79
N LYS A 113 -18.82 15.13 18.44
CA LYS A 113 -18.08 15.50 17.24
C LYS A 113 -19.05 15.69 16.08
N LYS A 114 -19.92 14.70 15.89
CA LYS A 114 -20.92 14.74 14.83
C LYS A 114 -21.92 15.87 15.15
N LYS A 115 -22.36 15.93 16.41
CA LYS A 115 -23.31 16.93 16.88
C LYS A 115 -22.86 18.39 16.78
N GLY A 116 -21.61 18.61 16.38
CA GLY A 116 -21.12 19.97 16.25
C GLY A 116 -20.48 20.53 17.51
N PHE A 117 -19.47 19.81 18.00
CA PHE A 117 -18.73 20.20 19.19
C PHE A 117 -17.26 20.14 18.82
N THR A 118 -16.42 20.38 19.81
CA THR A 118 -14.99 20.32 19.58
C THR A 118 -14.49 19.36 20.63
N THR A 119 -14.16 18.16 20.19
CA THR A 119 -13.66 17.13 21.08
C THR A 119 -12.17 17.30 21.30
N CYS A 120 -11.65 16.64 22.33
CA CYS A 120 -10.24 16.71 22.62
C CYS A 120 -9.80 15.89 23.82
N ILE A 121 -8.49 15.70 23.90
CA ILE A 121 -7.89 14.94 24.97
C ILE A 121 -6.77 15.75 25.61
N VAL A 122 -6.83 15.84 26.93
CA VAL A 122 -5.83 16.52 27.74
C VAL A 122 -5.37 15.50 28.74
N THR A 123 -4.31 14.76 28.41
CA THR A 123 -3.84 13.74 29.32
C THR A 123 -2.44 14.01 29.84
N ASN A 124 -2.11 13.30 30.92
CA ASN A 124 -0.77 13.39 31.51
C ASN A 124 0.02 12.29 30.81
N ASN A 125 0.48 12.61 29.61
CA ASN A 125 1.24 11.70 28.77
C ASN A 125 2.59 11.30 29.32
N TRP A 126 3.41 10.77 28.42
CA TRP A 126 4.77 10.33 28.70
C TRP A 126 5.30 9.73 27.40
N LEU A 127 6.60 9.84 27.20
CA LEU A 127 7.20 9.33 25.98
C LEU A 127 7.58 7.86 26.15
N ASP A 128 6.97 7.01 25.32
CA ASP A 128 7.21 5.57 25.39
C ASP A 128 8.17 4.99 24.36
N ASP A 129 9.40 4.73 24.83
CA ASP A 129 10.42 4.12 23.99
C ASP A 129 10.59 2.69 24.53
N GLY A 130 9.49 2.15 25.05
CA GLY A 130 9.48 0.80 25.60
C GLY A 130 9.60 -0.26 24.53
N ASP A 131 9.55 -1.53 24.94
CA ASP A 131 9.66 -2.64 24.01
C ASP A 131 8.29 -2.94 23.43
N LYS A 132 7.27 -2.41 24.08
CA LYS A 132 5.90 -2.62 23.67
C LYS A 132 5.14 -1.31 23.62
N ARG A 133 5.70 -0.33 22.90
CA ARG A 133 5.03 0.97 22.78
C ARG A 133 4.04 0.89 21.62
N ASP A 134 4.36 0.03 20.64
CA ASP A 134 3.50 -0.17 19.48
C ASP A 134 2.03 -0.02 19.86
N SER A 135 1.62 -0.72 20.92
CA SER A 135 0.23 -0.66 21.39
C SER A 135 -0.26 0.78 21.43
N LEU A 136 0.38 1.56 22.30
CA LEU A 136 0.05 2.96 22.49
C LEU A 136 -0.16 3.62 21.14
N ALA A 137 0.77 3.35 20.23
CA ALA A 137 0.69 3.90 18.89
C ALA A 137 -0.70 3.65 18.29
N GLN A 138 -1.05 2.38 18.12
CA GLN A 138 -2.34 1.99 17.55
C GLN A 138 -3.48 2.70 18.23
N MET A 139 -3.52 2.64 19.55
CA MET A 139 -4.60 3.30 20.27
C MET A 139 -4.60 4.77 19.94
N MET A 140 -3.42 5.35 19.98
CA MET A 140 -3.22 6.75 19.71
C MET A 140 -3.62 7.08 18.28
N CYS A 141 -3.13 6.27 17.35
CA CYS A 141 -3.42 6.45 15.94
C CYS A 141 -4.88 6.19 15.67
N GLU A 142 -5.56 5.53 16.61
CA GLU A 142 -6.98 5.26 16.42
C GLU A 142 -7.84 6.41 16.93
N LEU A 143 -7.52 6.89 18.12
CA LEU A 143 -8.28 7.99 18.73
C LEU A 143 -8.07 9.27 17.92
N SER A 144 -6.89 9.33 17.32
CA SER A 144 -6.45 10.43 16.50
C SER A 144 -7.56 11.10 15.68
N GLN A 145 -8.19 10.28 14.87
CA GLN A 145 -9.23 10.73 13.97
C GLN A 145 -10.50 11.29 14.59
N HIS A 146 -10.68 11.09 15.89
CA HIS A 146 -11.91 11.56 16.51
C HIS A 146 -11.77 12.71 17.49
N PHE A 147 -10.77 13.55 17.29
CA PHE A 147 -10.55 14.69 18.16
C PHE A 147 -9.83 15.77 17.40
N ASP A 148 -10.08 17.01 17.80
CA ASP A 148 -9.49 18.16 17.15
C ASP A 148 -8.13 18.63 17.72
N PHE A 149 -7.92 18.43 19.02
CA PHE A 149 -6.67 18.82 19.71
C PHE A 149 -6.15 17.79 20.72
N LEU A 150 -4.83 17.64 20.81
CA LEU A 150 -4.19 16.68 21.72
C LEU A 150 -3.24 17.34 22.73
N ILE A 151 -3.76 17.60 23.92
CA ILE A 151 -3.00 18.27 24.95
C ILE A 151 -2.18 17.33 25.82
N GLU A 152 -1.23 16.63 25.19
CA GLU A 152 -0.40 15.68 25.92
C GLU A 152 0.51 16.36 26.92
N SER A 153 0.47 15.90 28.17
CA SER A 153 1.30 16.49 29.21
C SER A 153 2.79 16.48 28.86
N CYS A 154 3.31 15.35 28.44
CA CYS A 154 4.73 15.27 28.09
C CYS A 154 5.10 15.99 26.79
N GLN A 155 4.17 16.78 26.26
CA GLN A 155 4.42 17.51 25.01
C GLN A 155 4.49 19.03 25.21
N VAL A 156 3.69 19.54 26.15
CA VAL A 156 3.66 20.97 26.44
C VAL A 156 4.29 21.30 27.79
N GLY A 157 5.19 20.45 28.25
CA GLY A 157 5.86 20.70 29.50
C GLY A 157 5.04 20.53 30.76
N MET A 158 3.94 21.27 30.86
CA MET A 158 3.06 21.21 32.05
C MET A 158 2.17 19.95 32.17
N ILE A 159 1.92 19.52 33.41
CA ILE A 159 1.11 18.33 33.64
C ILE A 159 0.05 18.54 34.71
N LYS A 160 -1.03 17.78 34.60
CA LYS A 160 -2.13 17.85 35.55
C LYS A 160 -1.64 17.55 36.96
N PRO A 161 -2.19 18.27 37.95
CA PRO A 161 -3.20 19.31 37.79
C PRO A 161 -2.67 20.74 37.85
N GLU A 162 -1.42 20.95 37.45
CA GLU A 162 -0.81 22.28 37.46
C GLU A 162 -1.56 23.25 36.54
N PRO A 163 -2.38 24.14 37.12
CA PRO A 163 -3.20 25.15 36.43
C PRO A 163 -2.69 25.74 35.11
N GLN A 164 -1.38 25.73 34.89
CA GLN A 164 -0.85 26.28 33.65
C GLN A 164 -1.23 25.43 32.45
N ILE A 165 -1.36 24.11 32.63
CA ILE A 165 -1.75 23.22 31.54
C ILE A 165 -3.16 23.65 31.11
N TYR A 166 -4.07 23.64 32.07
CA TYR A 166 -5.45 24.01 31.84
C TYR A 166 -5.61 25.34 31.09
N ASN A 167 -4.88 26.36 31.52
CA ASN A 167 -4.96 27.64 30.85
C ASN A 167 -4.51 27.51 29.41
N PHE A 168 -3.58 26.59 29.17
CA PHE A 168 -3.03 26.32 27.84
C PHE A 168 -4.08 25.73 26.89
N LEU A 169 -4.99 24.95 27.44
CA LEU A 169 -6.04 24.32 26.65
C LEU A 169 -7.02 25.36 26.14
N LEU A 170 -7.83 25.90 27.05
CA LEU A 170 -8.82 26.90 26.70
C LEU A 170 -8.18 27.84 25.68
N ASP A 171 -6.91 28.15 25.93
CA ASP A 171 -6.10 29.03 25.09
C ASP A 171 -6.09 28.58 23.63
N THR A 172 -5.76 27.32 23.42
CA THR A 172 -5.72 26.77 22.07
C THR A 172 -7.13 26.50 21.58
N LEU A 173 -7.99 26.12 22.53
CA LEU A 173 -9.38 25.81 22.23
C LEU A 173 -10.17 27.05 21.83
N LYS A 174 -9.74 28.21 22.33
CA LYS A 174 -10.41 29.47 22.06
C LYS A 174 -11.78 29.43 22.71
N ALA A 175 -11.82 29.01 23.97
CA ALA A 175 -13.10 28.92 24.67
C ALA A 175 -13.09 29.40 26.10
N LYS A 176 -14.29 29.62 26.63
CA LYS A 176 -14.47 30.07 28.01
C LYS A 176 -14.67 28.83 28.88
N PRO A 177 -14.03 28.81 30.06
CA PRO A 177 -14.12 27.69 31.00
C PRO A 177 -15.53 27.09 31.14
N ASN A 178 -16.53 27.94 30.98
CA ASN A 178 -17.92 27.52 31.10
C ASN A 178 -18.35 26.58 29.97
N GLU A 179 -18.20 27.00 28.73
CA GLU A 179 -18.60 26.20 27.59
C GLU A 179 -17.62 25.10 27.20
N VAL A 180 -17.08 24.42 28.20
CA VAL A 180 -16.13 23.33 27.99
C VAL A 180 -16.19 22.37 29.18
N VAL A 181 -16.36 21.08 28.87
CA VAL A 181 -16.45 20.04 29.90
C VAL A 181 -15.29 19.04 29.88
N PHE A 182 -14.65 18.87 31.05
CA PHE A 182 -13.51 17.98 31.21
C PHE A 182 -13.93 16.65 31.81
N LEU A 183 -13.17 15.60 31.54
CA LEU A 183 -13.48 14.26 32.03
C LEU A 183 -12.28 13.55 32.62
N ASP A 184 -12.31 13.30 33.92
CA ASP A 184 -11.21 12.58 34.57
C ASP A 184 -11.71 11.51 35.54
N ASP A 185 -10.90 10.46 35.69
CA ASP A 185 -11.23 9.35 36.58
C ASP A 185 -10.64 9.58 37.96
N PHE A 186 -10.08 10.77 38.18
CA PHE A 186 -9.48 11.10 39.46
C PHE A 186 -10.28 12.06 40.31
N GLY A 187 -10.44 13.28 39.82
CA GLY A 187 -11.19 14.27 40.57
C GLY A 187 -10.21 15.23 41.21
N SER A 188 -9.04 14.72 41.57
CA SER A 188 -8.02 15.57 42.15
C SER A 188 -7.56 16.46 41.01
N ASN A 189 -7.74 15.94 39.80
CA ASN A 189 -7.38 16.63 38.55
C ASN A 189 -8.55 17.47 38.01
N LEU A 190 -9.74 17.20 38.52
CA LEU A 190 -10.93 17.92 38.07
C LEU A 190 -11.24 19.15 38.93
N LYS A 191 -10.57 19.24 40.08
CA LYS A 191 -10.78 20.39 40.97
C LYS A 191 -10.56 21.67 40.19
N PRO A 192 -9.37 21.81 39.57
CA PRO A 192 -9.07 23.02 38.79
C PRO A 192 -10.17 23.38 37.78
N ALA A 193 -10.60 22.40 36.98
CA ALA A 193 -11.61 22.59 35.95
C ALA A 193 -12.85 23.37 36.36
N ARG A 194 -13.61 22.84 37.31
CA ARG A 194 -14.82 23.50 37.78
C ARG A 194 -14.49 24.80 38.49
N ASP A 195 -13.31 24.85 39.11
CA ASP A 195 -12.86 26.04 39.82
C ASP A 195 -12.81 27.18 38.79
N MET A 196 -12.32 26.84 37.59
CA MET A 196 -12.19 27.79 36.48
C MET A 196 -13.54 28.19 35.89
N GLY A 197 -14.57 27.39 36.17
CA GLY A 197 -15.90 27.66 35.65
C GLY A 197 -16.27 26.62 34.60
N MET A 198 -15.50 25.54 34.60
CA MET A 198 -15.70 24.44 33.67
C MET A 198 -16.72 23.46 34.23
N VAL A 199 -17.35 22.71 33.32
CA VAL A 199 -18.31 21.70 33.71
C VAL A 199 -17.47 20.44 33.91
N THR A 200 -17.29 20.06 35.17
CA THR A 200 -16.50 18.89 35.53
C THR A 200 -17.35 17.63 35.58
N ILE A 201 -16.73 16.49 35.29
CA ILE A 201 -17.40 15.18 35.33
C ILE A 201 -16.39 14.09 35.68
N LEU A 202 -16.63 13.40 36.80
CA LEU A 202 -15.75 12.33 37.26
C LEU A 202 -16.04 11.00 36.57
N VAL A 203 -15.32 9.96 36.95
CA VAL A 203 -15.51 8.64 36.35
C VAL A 203 -15.68 7.52 37.40
N HIS A 204 -14.66 7.29 38.23
CA HIS A 204 -14.77 6.25 39.28
C HIS A 204 -14.92 4.84 38.69
N ASN A 205 -15.96 4.64 37.87
CA ASN A 205 -16.25 3.34 37.25
C ASN A 205 -15.77 3.23 35.80
N THR A 206 -16.42 2.36 35.01
CA THR A 206 -16.07 2.15 33.61
C THR A 206 -16.93 2.94 32.63
N ALA A 207 -17.64 3.96 33.13
CA ALA A 207 -18.50 4.85 32.34
C ALA A 207 -19.93 4.90 32.85
N SER A 208 -20.87 4.70 31.92
CA SER A 208 -22.31 4.68 32.20
C SER A 208 -22.82 5.90 32.97
N ALA A 209 -22.61 5.88 34.28
CA ALA A 209 -23.03 6.97 35.13
C ALA A 209 -22.41 8.19 34.48
N LEU A 210 -21.19 7.99 33.98
CA LEU A 210 -20.42 9.02 33.30
C LEU A 210 -21.20 9.51 32.10
N ARG A 211 -21.16 8.73 31.03
CA ARG A 211 -21.86 9.08 29.80
C ARG A 211 -23.30 9.54 30.11
N GLU A 212 -23.82 9.12 31.25
CA GLU A 212 -25.16 9.50 31.65
C GLU A 212 -25.26 11.00 31.92
N LEU A 213 -24.60 11.45 33.00
CA LEU A 213 -24.60 12.87 33.38
C LEU A 213 -23.88 13.66 32.30
N GLU A 214 -23.59 12.95 31.22
CA GLU A 214 -22.90 13.50 30.08
C GLU A 214 -23.96 13.73 29.03
N LYS A 215 -24.94 12.82 29.01
CA LYS A 215 -26.07 12.89 28.09
C LYS A 215 -26.76 14.22 28.37
N VAL A 216 -27.12 14.41 29.64
CA VAL A 216 -27.79 15.60 30.13
C VAL A 216 -27.22 16.86 29.49
N THR A 217 -25.91 17.00 29.54
CA THR A 217 -25.22 18.13 28.94
C THR A 217 -25.12 17.81 27.44
N GLY A 218 -26.18 18.13 26.70
CA GLY A 218 -26.16 17.85 25.28
C GLY A 218 -27.25 16.90 24.85
N THR A 219 -26.87 15.76 24.28
CA THR A 219 -27.82 14.76 23.78
C THR A 219 -27.63 13.34 24.31
N GLN A 220 -28.35 12.40 23.70
CA GLN A 220 -28.32 10.98 24.09
C GLN A 220 -27.50 10.08 23.17
N PHE A 221 -26.99 9.00 23.76
CA PHE A 221 -26.19 8.01 23.06
C PHE A 221 -26.86 6.63 23.11
N PRO A 222 -26.80 5.88 22.00
CA PRO A 222 -27.39 4.55 21.87
C PRO A 222 -26.61 3.48 22.60
N GLU A 223 -27.32 2.47 23.10
CA GLU A 223 -26.70 1.36 23.81
C GLU A 223 -25.98 0.47 22.79
N ALA A 224 -26.63 0.21 21.66
CA ALA A 224 -26.05 -0.59 20.59
C ALA A 224 -25.79 0.37 19.44
N PRO A 225 -24.57 0.91 19.35
CA PRO A 225 -24.23 1.86 18.28
C PRO A 225 -23.83 1.20 16.99
N LEU A 226 -23.28 2.00 16.09
CA LEU A 226 -22.82 1.49 14.82
C LEU A 226 -21.33 1.61 14.77
N PRO A 227 -20.68 0.84 13.89
CA PRO A 227 -19.22 0.94 13.83
C PRO A 227 -18.95 2.33 13.28
N VAL A 228 -17.87 2.97 13.72
CA VAL A 228 -17.55 4.30 13.23
C VAL A 228 -17.41 4.34 11.72
N PRO A 229 -18.16 5.22 11.06
CA PRO A 229 -18.09 5.33 9.60
C PRO A 229 -16.89 6.16 9.18
N CYS A 230 -15.79 5.50 8.83
CA CYS A 230 -14.61 6.23 8.39
C CYS A 230 -15.02 7.24 7.32
N ASN A 231 -14.19 8.27 7.08
CA ASN A 231 -14.45 9.28 6.06
C ASN A 231 -13.93 10.66 6.40
N PRO A 232 -13.91 11.57 5.41
CA PRO A 232 -14.30 11.44 4.00
C PRO A 232 -13.05 11.59 3.15
N ASN A 233 -12.46 12.78 3.27
CA ASN A 233 -11.24 13.19 2.61
C ASN A 233 -10.19 12.90 3.66
N ASP A 234 -10.67 12.71 4.89
CA ASP A 234 -9.86 12.40 6.06
C ASP A 234 -9.10 11.09 5.84
N VAL A 235 -8.95 10.70 4.57
CA VAL A 235 -8.27 9.47 4.21
C VAL A 235 -7.20 9.68 3.13
N SER A 236 -6.36 8.66 2.91
CA SER A 236 -5.32 8.73 1.88
C SER A 236 -5.95 8.31 0.56
N HIS A 237 -5.47 8.85 -0.56
CA HIS A 237 -6.05 8.50 -1.84
C HIS A 237 -5.01 8.05 -2.83
N GLY A 238 -4.81 6.74 -2.94
CA GLY A 238 -3.82 6.24 -3.88
C GLY A 238 -4.28 6.34 -5.33
N TYR A 239 -3.34 6.32 -6.27
CA TYR A 239 -3.70 6.41 -7.68
C TYR A 239 -2.70 5.62 -8.55
N VAL A 240 -3.05 4.38 -8.88
CA VAL A 240 -2.19 3.55 -9.70
C VAL A 240 -2.63 3.62 -11.15
N THR A 241 -1.68 3.76 -12.06
CA THR A 241 -1.99 3.80 -13.48
C THR A 241 -1.53 2.44 -14.02
N VAL A 242 -2.51 1.61 -14.35
CA VAL A 242 -2.26 0.25 -14.83
C VAL A 242 -2.02 0.09 -16.34
N LYS A 243 -2.67 0.92 -17.12
CA LYS A 243 -2.54 0.91 -18.59
C LYS A 243 -2.53 2.39 -18.93
N PRO A 244 -2.10 2.74 -20.15
CA PRO A 244 -2.08 4.16 -20.50
C PRO A 244 -3.25 5.00 -19.97
N GLY A 245 -4.29 5.15 -20.78
CA GLY A 245 -5.41 5.97 -20.34
C GLY A 245 -6.12 5.59 -19.05
N ILE A 246 -5.88 4.38 -18.55
CA ILE A 246 -6.57 3.95 -17.34
C ILE A 246 -5.77 3.93 -16.04
N ARG A 247 -6.30 4.59 -15.02
CA ARG A 247 -5.67 4.66 -13.73
C ARG A 247 -6.75 4.35 -12.70
N LEU A 248 -6.39 3.57 -11.66
CA LEU A 248 -7.33 3.15 -10.62
C LEU A 248 -7.14 3.84 -9.29
N HIS A 249 -8.08 4.67 -8.88
CA HIS A 249 -7.95 5.35 -7.57
C HIS A 249 -8.46 4.43 -6.46
N PHE A 250 -7.93 4.59 -5.25
CA PHE A 250 -8.39 3.79 -4.13
C PHE A 250 -8.23 4.54 -2.81
N VAL A 251 -8.24 3.80 -1.72
CA VAL A 251 -8.07 4.40 -0.39
C VAL A 251 -7.22 3.45 0.44
N GLU A 252 -6.50 3.96 1.43
CA GLU A 252 -5.63 3.11 2.24
C GLU A 252 -5.75 3.36 3.72
N MET A 253 -5.54 2.31 4.50
CA MET A 253 -5.63 2.40 5.94
C MET A 253 -4.97 1.23 6.65
N GLY A 254 -4.21 1.54 7.70
CA GLY A 254 -3.55 0.50 8.48
C GLY A 254 -2.35 -0.17 7.83
N SER A 255 -1.74 -1.09 8.58
CA SER A 255 -0.57 -1.84 8.10
C SER A 255 -0.90 -3.28 7.74
N GLY A 256 -0.27 -3.76 6.66
CA GLY A 256 -0.44 -5.11 6.13
C GLY A 256 -0.88 -6.22 7.06
N PRO A 257 -1.25 -7.39 6.52
CA PRO A 257 -1.30 -7.73 5.10
C PRO A 257 -2.42 -7.01 4.36
N ALA A 258 -2.34 -7.02 3.04
CA ALA A 258 -3.32 -6.31 2.24
C ALA A 258 -4.53 -7.08 1.81
N LEU A 259 -5.66 -6.37 1.84
CA LEU A 259 -6.94 -6.92 1.41
C LEU A 259 -7.73 -5.81 0.72
N CYS A 260 -7.92 -5.96 -0.58
CA CYS A 260 -8.65 -4.97 -1.35
C CYS A 260 -10.16 -5.21 -1.29
N LEU A 261 -10.88 -4.12 -1.04
CA LEU A 261 -12.34 -4.16 -0.97
C LEU A 261 -12.94 -3.59 -2.26
N CYS A 262 -13.47 -4.46 -3.12
CA CYS A 262 -14.08 -4.00 -4.37
C CYS A 262 -15.60 -3.89 -4.27
N HIS A 263 -16.14 -2.74 -4.66
CA HIS A 263 -17.57 -2.47 -4.61
C HIS A 263 -18.38 -2.98 -5.81
N GLY A 264 -19.70 -2.83 -5.73
CA GLY A 264 -20.57 -3.28 -6.80
C GLY A 264 -21.39 -2.20 -7.50
N PHE A 265 -22.48 -2.60 -8.13
CA PHE A 265 -23.33 -1.66 -8.86
C PHE A 265 -24.63 -1.25 -8.18
N PRO A 266 -24.89 0.07 -8.13
CA PRO A 266 -24.06 1.17 -8.65
C PRO A 266 -23.44 1.88 -7.42
N GLU A 267 -22.28 1.41 -6.98
CA GLU A 267 -21.66 2.01 -5.81
C GLU A 267 -20.27 2.63 -6.00
N SER A 268 -19.53 2.71 -4.89
CA SER A 268 -18.18 3.28 -4.84
C SER A 268 -17.42 2.76 -3.62
N TRP A 269 -16.12 3.03 -3.56
CA TRP A 269 -15.32 2.60 -2.42
C TRP A 269 -15.99 3.10 -1.14
N PHE A 270 -16.57 4.30 -1.23
CA PHE A 270 -17.22 4.92 -0.09
C PHE A 270 -18.21 4.00 0.59
N SER A 271 -18.66 2.97 -0.12
CA SER A 271 -19.61 2.02 0.42
C SER A 271 -19.03 1.30 1.62
N TRP A 272 -17.77 0.89 1.53
CA TRP A 272 -17.11 0.19 2.61
C TRP A 272 -16.74 1.11 3.76
N ARG A 273 -17.28 2.32 3.74
CA ARG A 273 -16.99 3.30 4.76
C ARG A 273 -17.08 2.78 6.20
N TYR A 274 -17.81 1.69 6.41
CA TYR A 274 -17.93 1.15 7.76
C TYR A 274 -17.00 -0.01 8.04
N GLN A 275 -16.56 -0.68 6.98
CA GLN A 275 -15.69 -1.84 7.13
C GLN A 275 -14.24 -1.41 7.17
N ILE A 276 -13.89 -0.49 6.28
CA ILE A 276 -12.52 0.03 6.16
C ILE A 276 -11.79 0.30 7.49
N PRO A 277 -12.30 1.24 8.30
CA PRO A 277 -11.63 1.52 9.57
C PRO A 277 -11.48 0.26 10.41
N ALA A 278 -12.60 -0.28 10.85
CA ALA A 278 -12.60 -1.49 11.67
C ALA A 278 -11.62 -2.54 11.12
N LEU A 279 -11.74 -2.82 9.84
CA LEU A 279 -10.87 -3.78 9.20
C LEU A 279 -9.40 -3.41 9.40
N ALA A 280 -9.12 -2.12 9.30
CA ALA A 280 -7.77 -1.63 9.47
C ALA A 280 -7.36 -1.92 10.90
N GLN A 281 -8.14 -1.38 11.83
CA GLN A 281 -7.90 -1.55 13.25
C GLN A 281 -7.85 -3.03 13.59
N ALA A 282 -8.36 -3.86 12.70
CA ALA A 282 -8.35 -5.31 12.93
C ALA A 282 -6.98 -5.86 12.56
N GLY A 283 -6.04 -4.96 12.31
CA GLY A 283 -4.70 -5.36 11.95
C GLY A 283 -4.53 -5.62 10.46
N PHE A 284 -5.07 -4.73 9.64
CA PHE A 284 -4.95 -4.92 8.21
C PHE A 284 -4.78 -3.66 7.39
N ARG A 285 -4.17 -3.80 6.22
CA ARG A 285 -3.94 -2.69 5.31
C ARG A 285 -5.00 -2.82 4.25
N VAL A 286 -6.07 -2.02 4.39
CA VAL A 286 -7.19 -2.06 3.45
C VAL A 286 -7.02 -1.18 2.22
N LEU A 287 -7.61 -1.63 1.12
CA LEU A 287 -7.54 -0.89 -0.13
C LEU A 287 -8.93 -0.72 -0.77
N ALA A 288 -9.76 0.11 -0.17
CA ALA A 288 -11.09 0.35 -0.72
C ALA A 288 -10.91 0.96 -2.11
N ILE A 289 -10.91 0.10 -3.12
CA ILE A 289 -10.73 0.55 -4.49
C ILE A 289 -12.02 1.00 -5.17
N ASP A 290 -11.86 1.96 -6.08
CA ASP A 290 -12.97 2.49 -6.88
C ASP A 290 -12.89 1.63 -8.14
N MET A 291 -13.84 0.71 -8.29
CA MET A 291 -13.85 -0.20 -9.43
C MET A 291 -13.81 0.55 -10.77
N LYS A 292 -13.10 -0.03 -11.75
CA LYS A 292 -13.01 0.60 -13.05
C LYS A 292 -14.36 1.11 -13.53
N GLY A 293 -14.39 2.35 -14.00
CA GLY A 293 -15.63 2.92 -14.48
C GLY A 293 -16.27 3.84 -13.45
N TYR A 294 -16.11 3.54 -12.17
CA TYR A 294 -16.70 4.33 -11.09
C TYR A 294 -15.78 5.39 -10.46
N GLY A 295 -16.41 6.42 -9.88
CA GLY A 295 -15.72 7.50 -9.19
C GLY A 295 -14.49 8.16 -9.80
N ASP A 296 -13.36 8.07 -9.08
CA ASP A 296 -12.11 8.68 -9.52
C ASP A 296 -11.20 7.83 -10.41
N SER A 297 -11.64 6.63 -10.78
CA SER A 297 -10.83 5.78 -11.65
C SER A 297 -11.29 6.04 -13.07
N SER A 298 -10.46 5.67 -14.05
CA SER A 298 -10.80 5.86 -15.45
C SER A 298 -12.11 5.11 -15.71
N SER A 299 -13.00 5.72 -16.48
CA SER A 299 -14.29 5.14 -16.81
C SER A 299 -14.47 5.28 -18.32
N PRO A 300 -13.77 4.43 -19.10
CA PRO A 300 -13.89 4.53 -20.56
C PRO A 300 -15.30 4.36 -21.05
N PRO A 301 -15.53 4.63 -22.34
CA PRO A 301 -16.85 4.49 -22.95
C PRO A 301 -17.01 3.13 -23.66
N GLU A 302 -15.89 2.49 -23.98
CA GLU A 302 -15.91 1.19 -24.65
C GLU A 302 -16.50 0.10 -23.76
N ILE A 303 -17.21 -0.84 -24.37
CA ILE A 303 -17.83 -1.93 -23.62
C ILE A 303 -16.83 -3.04 -23.34
N GLU A 304 -16.04 -3.38 -24.36
CA GLU A 304 -15.03 -4.42 -24.25
C GLU A 304 -14.18 -4.15 -23.03
N GLU A 305 -13.96 -2.87 -22.78
CA GLU A 305 -13.14 -2.39 -21.67
C GLU A 305 -13.54 -2.98 -20.32
N TYR A 306 -14.74 -3.54 -20.24
CA TYR A 306 -15.24 -4.10 -18.99
C TYR A 306 -15.41 -5.62 -18.95
N ALA A 307 -14.89 -6.30 -19.97
CA ALA A 307 -14.98 -7.74 -20.00
C ALA A 307 -14.41 -8.17 -18.66
N MET A 308 -15.04 -9.12 -17.99
CA MET A 308 -14.55 -9.60 -16.71
C MET A 308 -13.13 -10.09 -16.86
N GLU A 309 -12.82 -10.69 -18.02
CA GLU A 309 -11.48 -11.19 -18.28
C GLU A 309 -10.45 -10.09 -18.03
N LEU A 310 -10.76 -8.90 -18.54
CA LEU A 310 -9.87 -7.75 -18.40
C LEU A 310 -9.85 -7.22 -16.96
N LEU A 311 -11.03 -6.91 -16.44
CA LEU A 311 -11.12 -6.39 -15.09
C LEU A 311 -10.25 -7.17 -14.12
N CYS A 312 -10.23 -8.48 -14.30
CA CYS A 312 -9.44 -9.35 -13.43
C CYS A 312 -7.96 -9.16 -13.73
N LYS A 313 -7.62 -9.13 -15.00
CA LYS A 313 -6.24 -8.92 -15.42
C LYS A 313 -5.70 -7.64 -14.81
N GLU A 314 -6.39 -6.53 -15.09
CA GLU A 314 -5.99 -5.23 -14.56
C GLU A 314 -5.92 -5.29 -13.04
N MET A 315 -6.93 -5.89 -12.42
CA MET A 315 -6.91 -5.99 -10.99
C MET A 315 -5.55 -6.52 -10.59
N VAL A 316 -5.06 -7.49 -11.35
CA VAL A 316 -3.76 -8.09 -11.07
C VAL A 316 -2.63 -7.09 -11.29
N THR A 317 -2.67 -6.41 -12.43
CA THR A 317 -1.66 -5.41 -12.73
C THR A 317 -1.62 -4.46 -11.54
N PHE A 318 -2.74 -3.83 -11.24
CA PHE A 318 -2.83 -2.91 -10.10
C PHE A 318 -2.04 -3.42 -8.89
N LEU A 319 -1.92 -4.73 -8.73
CA LEU A 319 -1.17 -5.26 -7.62
C LEU A 319 0.32 -5.09 -7.90
N ASP A 320 0.81 -5.69 -8.98
CA ASP A 320 2.22 -5.59 -9.36
C ASP A 320 2.69 -4.15 -9.19
N LYS A 321 2.04 -3.27 -9.94
CA LYS A 321 2.34 -1.84 -9.90
C LYS A 321 2.54 -1.40 -8.45
N LEU A 322 1.58 -1.74 -7.59
CA LEU A 322 1.64 -1.37 -6.19
C LEU A 322 2.66 -2.20 -5.39
N GLY A 323 3.40 -3.05 -6.09
CA GLY A 323 4.38 -3.86 -5.41
C GLY A 323 3.87 -4.88 -4.41
N ILE A 324 2.55 -5.07 -4.34
CA ILE A 324 1.94 -6.05 -3.43
C ILE A 324 1.90 -7.42 -4.16
N PRO A 325 2.55 -8.47 -3.60
CA PRO A 325 2.54 -9.78 -4.26
C PRO A 325 1.33 -10.67 -3.97
N GLN A 326 0.49 -10.25 -3.03
CA GLN A 326 -0.69 -11.02 -2.67
C GLN A 326 -1.62 -10.21 -1.83
N ALA A 327 -2.92 -10.51 -1.91
CA ALA A 327 -3.92 -9.79 -1.15
C ALA A 327 -5.16 -10.63 -0.86
N VAL A 328 -5.99 -10.12 0.03
CA VAL A 328 -7.22 -10.78 0.36
C VAL A 328 -8.24 -10.02 -0.48
N PHE A 329 -9.05 -10.76 -1.21
CA PHE A 329 -10.03 -10.11 -2.03
C PHE A 329 -11.42 -10.35 -1.51
N ILE A 330 -12.04 -9.28 -1.05
CA ILE A 330 -13.39 -9.34 -0.55
C ILE A 330 -14.25 -8.55 -1.51
N GLY A 331 -15.13 -9.24 -2.22
CA GLY A 331 -16.00 -8.57 -3.16
C GLY A 331 -17.48 -8.69 -2.83
N HIS A 332 -18.25 -7.76 -3.38
CA HIS A 332 -19.69 -7.75 -3.19
C HIS A 332 -20.32 -7.40 -4.54
N ASP A 333 -21.51 -7.93 -4.80
CA ASP A 333 -22.19 -7.64 -6.07
C ASP A 333 -21.32 -8.05 -7.26
N TRP A 334 -21.33 -7.22 -8.29
CA TRP A 334 -20.55 -7.47 -9.49
C TRP A 334 -19.11 -7.77 -9.12
N ALA A 335 -18.59 -6.98 -8.19
CA ALA A 335 -17.22 -7.14 -7.70
C ALA A 335 -17.04 -8.59 -7.31
N GLY A 336 -17.90 -9.02 -6.38
CA GLY A 336 -17.90 -10.38 -5.89
C GLY A 336 -17.67 -11.36 -7.01
N VAL A 337 -18.34 -11.14 -8.14
CA VAL A 337 -18.17 -12.00 -9.29
C VAL A 337 -16.68 -12.04 -9.63
N MET A 338 -16.14 -10.85 -9.92
CA MET A 338 -14.73 -10.70 -10.26
C MET A 338 -13.85 -11.39 -9.22
N VAL A 339 -14.09 -11.07 -7.96
CA VAL A 339 -13.36 -11.64 -6.84
C VAL A 339 -13.23 -13.17 -7.00
N TRP A 340 -14.35 -13.87 -7.25
CA TRP A 340 -14.36 -15.33 -7.42
C TRP A 340 -13.57 -15.75 -8.66
N ASN A 341 -13.62 -14.91 -9.68
CA ASN A 341 -12.88 -15.22 -10.90
C ASN A 341 -11.40 -14.97 -10.66
N MET A 342 -11.11 -14.01 -9.78
CA MET A 342 -9.75 -13.68 -9.42
C MET A 342 -9.22 -14.95 -8.80
N ALA A 343 -9.96 -15.45 -7.81
CA ALA A 343 -9.60 -16.68 -7.11
C ALA A 343 -9.44 -17.80 -8.12
N LEU A 344 -10.36 -17.86 -9.06
CA LEU A 344 -10.35 -18.89 -10.07
C LEU A 344 -9.22 -18.78 -11.10
N PHE A 345 -8.87 -17.58 -11.51
CA PHE A 345 -7.83 -17.43 -12.52
C PHE A 345 -6.43 -17.06 -12.03
N TYR A 346 -6.37 -16.44 -10.86
CA TYR A 346 -5.09 -16.04 -10.28
C TYR A 346 -5.02 -16.47 -8.83
N PRO A 347 -4.69 -17.75 -8.60
CA PRO A 347 -4.59 -18.28 -7.24
C PRO A 347 -3.42 -17.66 -6.48
N GLU A 348 -2.27 -17.62 -7.15
CA GLU A 348 -1.04 -17.07 -6.62
C GLU A 348 -1.21 -15.73 -5.91
N ARG A 349 -1.86 -14.80 -6.60
CA ARG A 349 -2.06 -13.48 -6.05
C ARG A 349 -3.21 -13.33 -5.05
N VAL A 350 -4.03 -14.36 -4.89
CA VAL A 350 -5.11 -14.24 -3.91
C VAL A 350 -4.75 -14.98 -2.62
N ARG A 351 -4.60 -14.26 -1.51
CA ARG A 351 -4.28 -14.90 -0.25
C ARG A 351 -5.57 -15.62 0.16
N ALA A 352 -6.69 -14.93 -0.01
CA ALA A 352 -8.01 -15.47 0.32
C ALA A 352 -9.11 -14.66 -0.38
N VAL A 353 -10.32 -15.21 -0.39
CA VAL A 353 -11.50 -14.57 -1.01
C VAL A 353 -12.75 -14.63 -0.16
N ALA A 354 -13.55 -13.57 -0.22
CA ALA A 354 -14.79 -13.47 0.52
C ALA A 354 -15.78 -12.77 -0.39
N SER A 355 -17.02 -13.25 -0.40
CA SER A 355 -18.03 -12.62 -1.24
C SER A 355 -19.32 -12.34 -0.49
N LEU A 356 -19.93 -11.22 -0.80
CA LEU A 356 -21.17 -10.84 -0.13
C LEU A 356 -22.30 -10.97 -1.12
N ASN A 357 -23.32 -11.72 -0.73
CA ASN A 357 -24.49 -11.95 -1.57
C ASN A 357 -24.11 -12.76 -2.83
N THR A 358 -23.27 -12.17 -3.66
CA THR A 358 -22.81 -12.81 -4.90
C THR A 358 -22.20 -14.20 -4.71
N PRO A 359 -22.83 -15.24 -5.29
CA PRO A 359 -22.39 -16.62 -5.22
C PRO A 359 -21.56 -16.98 -6.43
N PHE A 360 -20.82 -18.09 -6.34
CA PHE A 360 -20.00 -18.50 -7.46
C PHE A 360 -20.85 -19.33 -8.42
N MET A 361 -21.25 -18.71 -9.52
CA MET A 361 -22.09 -19.38 -10.50
C MET A 361 -21.38 -19.68 -11.84
N PRO A 362 -20.58 -20.75 -11.88
CA PRO A 362 -19.89 -21.07 -13.13
C PRO A 362 -20.89 -21.08 -14.27
N PRO A 363 -20.40 -20.90 -15.50
CA PRO A 363 -21.26 -20.89 -16.69
C PRO A 363 -21.53 -22.26 -17.27
N ASP A 364 -22.73 -22.40 -17.85
CA ASP A 364 -23.15 -23.64 -18.49
C ASP A 364 -22.55 -23.64 -19.90
N PRO A 365 -21.77 -24.67 -20.23
CA PRO A 365 -21.12 -24.79 -21.54
C PRO A 365 -22.05 -25.03 -22.72
N ASP A 366 -23.23 -25.57 -22.44
CA ASP A 366 -24.18 -25.86 -23.49
C ASP A 366 -25.44 -25.04 -23.27
N VAL A 367 -25.29 -23.90 -22.63
CA VAL A 367 -26.45 -23.06 -22.36
C VAL A 367 -26.13 -21.59 -22.55
N SER A 368 -26.46 -21.06 -23.73
CA SER A 368 -26.23 -19.65 -24.03
C SER A 368 -26.46 -18.85 -22.75
N PRO A 369 -25.45 -18.07 -22.34
CA PRO A 369 -25.50 -17.25 -21.11
C PRO A 369 -26.65 -16.27 -21.13
N MET A 370 -26.95 -15.77 -22.32
CA MET A 370 -28.02 -14.82 -22.50
C MET A 370 -29.37 -15.44 -22.20
N LYS A 371 -29.54 -16.67 -22.69
CA LYS A 371 -30.78 -17.39 -22.49
C LYS A 371 -31.06 -17.50 -21.00
N VAL A 372 -30.03 -17.83 -20.24
CA VAL A 372 -30.19 -17.97 -18.79
C VAL A 372 -30.66 -16.67 -18.16
N ILE A 373 -30.55 -15.56 -18.89
CA ILE A 373 -30.99 -14.27 -18.37
C ILE A 373 -32.42 -14.03 -18.83
N ARG A 374 -32.67 -14.35 -20.10
CA ARG A 374 -33.99 -14.19 -20.70
C ARG A 374 -34.94 -15.06 -19.89
N SER A 375 -34.37 -16.03 -19.19
CA SER A 375 -35.12 -16.94 -18.36
C SER A 375 -35.44 -16.34 -17.00
N ILE A 376 -34.49 -16.42 -16.07
CA ILE A 376 -34.67 -15.88 -14.72
C ILE A 376 -35.46 -14.57 -14.81
N PRO A 377 -36.68 -14.56 -14.24
CA PRO A 377 -37.59 -13.42 -14.22
C PRO A 377 -37.11 -12.19 -13.45
N VAL A 378 -36.34 -12.44 -12.39
CA VAL A 378 -35.82 -11.36 -11.56
C VAL A 378 -34.54 -10.75 -12.13
N PHE A 379 -34.36 -10.87 -13.44
CA PHE A 379 -33.19 -10.31 -14.11
C PHE A 379 -33.60 -9.43 -15.29
N ASN A 380 -34.87 -9.05 -15.30
CA ASN A 380 -35.35 -8.21 -16.38
C ASN A 380 -34.57 -6.90 -16.43
N TYR A 381 -34.70 -6.10 -15.38
CA TYR A 381 -34.00 -4.82 -15.31
C TYR A 381 -32.63 -5.00 -15.92
N GLN A 382 -31.99 -6.08 -15.50
CA GLN A 382 -30.67 -6.39 -15.97
C GLN A 382 -30.73 -6.32 -17.49
N LEU A 383 -31.67 -7.04 -18.08
CA LEU A 383 -31.84 -7.04 -19.53
C LEU A 383 -32.02 -5.61 -20.04
N TYR A 384 -32.84 -4.85 -19.34
CA TYR A 384 -33.12 -3.46 -19.67
C TYR A 384 -31.80 -2.70 -19.85
N PHE A 385 -30.84 -2.99 -18.98
CA PHE A 385 -29.53 -2.37 -19.01
C PHE A 385 -28.77 -2.64 -20.31
N GLN A 386 -28.99 -3.82 -20.86
CA GLN A 386 -28.31 -4.22 -22.09
C GLN A 386 -28.14 -3.10 -23.10
N GLU A 387 -29.24 -2.47 -23.51
CA GLU A 387 -29.20 -1.40 -24.49
C GLU A 387 -28.52 -0.12 -23.98
N PRO A 388 -27.36 0.22 -24.57
CA PRO A 388 -26.53 1.40 -24.25
C PRO A 388 -27.20 2.75 -24.50
N GLY A 389 -27.16 3.61 -23.48
CA GLY A 389 -27.73 4.94 -23.59
C GLY A 389 -29.06 4.97 -22.87
N VAL A 390 -29.81 3.90 -23.06
CA VAL A 390 -31.14 3.73 -22.46
C VAL A 390 -31.07 3.81 -20.94
N ALA A 391 -30.69 2.68 -20.35
CA ALA A 391 -30.56 2.59 -18.90
C ALA A 391 -29.95 3.88 -18.39
N GLU A 392 -28.76 4.21 -18.90
CA GLU A 392 -28.04 5.42 -18.52
C GLU A 392 -29.01 6.59 -18.36
N ALA A 393 -29.58 6.99 -19.50
CA ALA A 393 -30.52 8.09 -19.57
C ALA A 393 -31.51 8.16 -18.40
N GLU A 394 -31.95 7.01 -17.92
CA GLU A 394 -32.91 6.98 -16.81
C GLU A 394 -32.28 7.31 -15.46
N LEU A 395 -31.17 6.64 -15.17
CA LEU A 395 -30.49 6.85 -13.90
C LEU A 395 -29.85 8.24 -13.79
N GLU A 396 -29.32 8.75 -14.91
CA GLU A 396 -28.69 10.05 -14.91
C GLU A 396 -29.67 11.22 -14.80
N LYS A 397 -30.82 11.10 -15.46
CA LYS A 397 -31.87 12.14 -15.44
C LYS A 397 -32.05 12.81 -14.08
N ASN A 398 -31.84 12.06 -13.02
CA ASN A 398 -31.97 12.61 -11.68
C ASN A 398 -31.31 11.65 -10.72
N MET A 399 -30.05 11.92 -10.44
CA MET A 399 -29.27 11.07 -9.56
C MET A 399 -29.85 10.99 -8.15
N SER A 400 -30.37 12.10 -7.63
CA SER A 400 -30.93 12.08 -6.28
C SER A 400 -31.83 10.86 -6.09
N ARG A 401 -32.97 10.84 -6.78
CA ARG A 401 -33.93 9.72 -6.73
C ARG A 401 -33.19 8.43 -7.05
N THR A 402 -32.63 8.37 -8.25
CA THR A 402 -31.90 7.20 -8.67
C THR A 402 -31.23 6.51 -7.49
N PHE A 403 -30.62 7.29 -6.58
CA PHE A 403 -29.94 6.68 -5.46
C PHE A 403 -30.79 6.32 -4.27
N LYS A 404 -31.49 7.29 -3.70
CA LYS A 404 -32.33 6.98 -2.55
C LYS A 404 -33.24 5.81 -2.96
N SER A 405 -33.40 5.65 -4.27
CA SER A 405 -34.21 4.58 -4.86
C SER A 405 -33.51 3.23 -4.72
N PHE A 406 -32.36 3.11 -5.37
CA PHE A 406 -31.54 1.89 -5.33
C PHE A 406 -31.28 1.47 -3.91
N PHE A 407 -30.75 2.40 -3.12
CA PHE A 407 -30.41 2.14 -1.73
C PHE A 407 -31.58 2.20 -0.75
N ARG A 408 -32.15 1.04 -0.45
CA ARG A 408 -33.25 0.93 0.49
C ARG A 408 -33.06 -0.35 1.28
N ALA A 409 -33.57 -0.38 2.51
CA ALA A 409 -33.46 -1.54 3.40
C ALA A 409 -34.26 -2.77 2.97
N SER A 410 -33.98 -3.91 3.62
CA SER A 410 -34.66 -5.16 3.32
C SER A 410 -36.14 -4.98 3.61
N ASP A 411 -36.45 -4.18 4.63
CA ASP A 411 -37.82 -3.91 5.03
C ASP A 411 -38.16 -2.45 4.77
N GLU A 412 -38.26 -2.08 3.49
CA GLU A 412 -38.60 -0.72 3.12
C GLU A 412 -39.36 -0.68 1.80
N THR A 413 -40.12 0.41 1.61
CA THR A 413 -40.95 0.61 0.41
C THR A 413 -40.14 0.97 -0.85
N GLY A 414 -40.72 1.82 -1.69
CA GLY A 414 -40.10 2.30 -2.94
C GLY A 414 -39.05 1.47 -3.66
N PHE A 415 -39.23 0.15 -3.68
CA PHE A 415 -38.28 -0.77 -4.33
C PHE A 415 -38.04 -0.52 -5.83
N ILE A 416 -37.00 -1.16 -6.36
CA ILE A 416 -36.67 -1.04 -7.77
C ILE A 416 -37.54 -2.03 -8.54
N ALA A 417 -37.66 -1.86 -9.85
CA ALA A 417 -38.48 -2.76 -10.67
C ALA A 417 -37.60 -3.76 -11.41
N VAL A 418 -36.92 -4.59 -10.63
CA VAL A 418 -36.02 -5.60 -11.17
C VAL A 418 -36.59 -6.55 -12.25
N HIS A 419 -37.89 -6.88 -12.21
CA HIS A 419 -38.43 -7.76 -13.25
C HIS A 419 -39.35 -7.11 -14.29
N LYS A 420 -40.12 -6.09 -13.91
CA LYS A 420 -40.99 -5.47 -14.90
C LYS A 420 -40.30 -4.48 -15.85
N ALA A 421 -39.03 -4.18 -15.58
CA ALA A 421 -38.22 -3.26 -16.39
C ALA A 421 -38.71 -3.09 -17.83
N THR A 422 -38.33 -3.99 -18.72
CA THR A 422 -38.82 -3.88 -20.09
C THR A 422 -40.29 -4.19 -19.91
N GLU A 423 -41.13 -3.27 -20.35
CA GLU A 423 -42.58 -3.37 -20.25
C GLU A 423 -43.02 -2.05 -19.66
N ILE A 424 -42.66 -1.80 -18.41
CA ILE A 424 -43.02 -0.52 -17.79
C ILE A 424 -42.06 0.60 -18.24
N GLY A 425 -41.05 0.24 -19.04
CA GLY A 425 -40.11 1.22 -19.57
C GLY A 425 -38.86 1.56 -18.79
N GLY A 426 -38.67 1.00 -17.59
CA GLY A 426 -37.48 1.30 -16.83
C GLY A 426 -37.45 0.96 -15.34
N ILE A 427 -36.29 0.46 -14.90
CA ILE A 427 -36.05 0.08 -13.53
C ILE A 427 -36.56 1.06 -12.47
N LEU A 428 -37.04 2.21 -12.89
CA LEU A 428 -37.54 3.19 -11.92
C LEU A 428 -38.94 3.70 -12.26
N VAL A 429 -39.53 3.17 -13.33
CA VAL A 429 -40.85 3.62 -13.76
C VAL A 429 -41.89 3.55 -12.67
N ASN A 430 -41.62 2.74 -11.66
CA ASN A 430 -42.50 2.64 -10.51
C ASN A 430 -41.85 3.62 -9.54
N THR A 431 -41.78 3.26 -8.27
CA THR A 431 -41.16 4.13 -7.25
C THR A 431 -41.61 5.58 -7.26
N PRO A 432 -41.67 6.20 -6.06
CA PRO A 432 -42.10 7.59 -6.03
C PRO A 432 -41.14 8.46 -6.85
N GLU A 433 -41.44 9.74 -6.97
CA GLU A 433 -40.59 10.68 -7.71
C GLU A 433 -39.58 11.21 -6.73
N ASP A 434 -40.07 11.62 -5.57
CA ASP A 434 -39.22 12.13 -4.51
C ASP A 434 -39.15 11.04 -3.46
N PRO A 435 -38.29 10.05 -3.68
CA PRO A 435 -38.19 8.97 -2.70
C PRO A 435 -37.92 9.51 -1.31
N ASN A 436 -38.17 8.69 -0.31
CA ASN A 436 -37.92 9.07 1.06
C ASN A 436 -36.50 8.60 1.42
N LEU A 437 -35.81 9.37 2.24
CA LEU A 437 -34.46 8.99 2.64
C LEU A 437 -34.52 7.68 3.41
N SER A 438 -33.84 6.65 2.90
CA SER A 438 -33.84 5.36 3.58
C SER A 438 -33.04 5.46 4.88
N LYS A 439 -33.51 4.79 5.92
CA LYS A 439 -32.82 4.81 7.20
C LYS A 439 -31.56 3.97 7.04
N ILE A 440 -30.81 4.25 5.98
CA ILE A 440 -29.61 3.50 5.71
C ILE A 440 -28.55 4.36 5.02
N THR A 441 -28.94 5.57 4.64
CA THR A 441 -28.04 6.54 4.02
C THR A 441 -28.47 7.94 4.42
N THR A 442 -27.49 8.80 4.72
CA THR A 442 -27.80 10.17 5.10
C THR A 442 -27.67 11.02 3.85
N GLU A 443 -28.50 12.06 3.74
CA GLU A 443 -28.49 12.93 2.59
C GLU A 443 -27.06 13.09 2.09
N GLU A 444 -26.19 13.49 3.00
CA GLU A 444 -24.78 13.68 2.70
C GLU A 444 -24.21 12.41 2.11
N GLU A 445 -24.42 11.29 2.80
CA GLU A 445 -23.93 10.01 2.32
C GLU A 445 -24.33 9.82 0.85
N ILE A 446 -25.53 10.26 0.52
CA ILE A 446 -26.02 10.13 -0.84
C ILE A 446 -25.32 11.10 -1.76
N GLU A 447 -25.20 12.34 -1.30
CA GLU A 447 -24.56 13.40 -2.09
C GLU A 447 -23.18 13.02 -2.62
N PHE A 448 -22.44 12.28 -1.80
CA PHE A 448 -21.11 11.84 -2.21
C PHE A 448 -21.28 10.99 -3.47
N TYR A 449 -22.18 10.03 -3.38
CA TYR A 449 -22.46 9.12 -4.49
C TYR A 449 -22.84 9.93 -5.71
N ILE A 450 -23.56 11.02 -5.48
CA ILE A 450 -23.99 11.89 -6.57
C ILE A 450 -22.79 12.54 -7.24
N GLN A 451 -22.03 13.30 -6.44
CA GLN A 451 -20.86 13.99 -6.94
C GLN A 451 -19.99 12.98 -7.68
N GLN A 452 -19.78 11.84 -7.04
CA GLN A 452 -18.98 10.80 -7.64
C GLN A 452 -19.46 10.51 -9.07
N PHE A 453 -20.73 10.13 -9.17
CA PHE A 453 -21.32 9.79 -10.45
C PHE A 453 -21.48 10.96 -11.41
N LYS A 454 -21.59 12.17 -10.88
CA LYS A 454 -21.73 13.35 -11.72
C LYS A 454 -20.51 13.42 -12.63
N LYS A 455 -19.34 13.05 -12.10
CA LYS A 455 -18.10 13.08 -12.86
C LYS A 455 -17.82 11.85 -13.74
N THR A 456 -18.31 10.69 -13.31
CA THR A 456 -18.10 9.47 -14.06
C THR A 456 -19.20 9.17 -15.07
N GLY A 457 -20.43 9.59 -14.75
CA GLY A 457 -21.53 9.28 -15.64
C GLY A 457 -22.07 7.92 -15.23
N PHE A 458 -22.88 7.29 -16.07
CA PHE A 458 -23.43 5.98 -15.72
C PHE A 458 -23.10 4.92 -16.75
N ARG A 459 -22.70 5.31 -17.95
CA ARG A 459 -22.37 4.31 -18.96
C ARG A 459 -21.37 3.32 -18.39
N GLY A 460 -20.15 3.80 -18.16
CA GLY A 460 -19.09 2.97 -17.62
C GLY A 460 -19.52 1.86 -16.68
N PRO A 461 -20.19 2.19 -15.56
CA PRO A 461 -20.62 1.15 -14.61
C PRO A 461 -21.51 0.08 -15.27
N LEU A 462 -22.49 0.54 -16.03
CA LEU A 462 -23.42 -0.35 -16.71
C LEU A 462 -22.72 -1.32 -17.65
N ASN A 463 -21.66 -0.84 -18.30
CA ASN A 463 -20.90 -1.67 -19.24
C ASN A 463 -20.45 -2.97 -18.58
N TRP A 464 -20.64 -3.06 -17.27
CA TRP A 464 -20.27 -4.25 -16.52
C TRP A 464 -21.24 -5.36 -16.93
N TYR A 465 -22.50 -4.98 -17.07
CA TYR A 465 -23.56 -5.90 -17.47
C TYR A 465 -23.37 -6.37 -18.91
N ARG A 466 -23.14 -5.40 -19.78
CA ARG A 466 -22.98 -5.62 -21.22
C ARG A 466 -21.76 -6.42 -21.74
N ASN A 467 -21.33 -7.46 -21.04
CA ASN A 467 -20.18 -8.25 -21.52
C ASN A 467 -20.42 -9.75 -21.36
N THR A 468 -21.71 -10.09 -21.33
CA THR A 468 -22.24 -11.45 -21.17
C THR A 468 -21.64 -12.61 -21.96
N GLU A 469 -21.59 -12.48 -23.28
CA GLU A 469 -21.06 -13.55 -24.11
C GLU A 469 -19.62 -13.80 -23.76
N ARG A 470 -18.81 -12.77 -23.92
CA ARG A 470 -17.39 -12.79 -23.63
C ARG A 470 -17.14 -13.40 -22.25
N ASN A 471 -17.80 -12.87 -21.22
CA ASN A 471 -17.65 -13.38 -19.88
C ASN A 471 -17.85 -14.89 -19.89
N TRP A 472 -18.99 -15.32 -20.43
CA TRP A 472 -19.32 -16.73 -20.53
C TRP A 472 -18.19 -17.51 -21.17
N LYS A 473 -17.79 -17.05 -22.36
CA LYS A 473 -16.72 -17.69 -23.12
C LYS A 473 -15.43 -17.82 -22.32
N TRP A 474 -15.19 -16.87 -21.44
CA TRP A 474 -13.99 -16.86 -20.63
C TRP A 474 -14.09 -17.80 -19.42
N SER A 475 -15.07 -17.57 -18.55
CA SER A 475 -15.25 -18.40 -17.36
C SER A 475 -15.39 -19.88 -17.69
N CYS A 476 -15.60 -20.18 -18.96
CA CYS A 476 -15.75 -21.55 -19.38
C CYS A 476 -14.42 -22.30 -19.31
N LYS A 477 -13.33 -21.55 -19.25
CA LYS A 477 -12.01 -22.15 -19.20
C LYS A 477 -11.72 -22.73 -17.83
N GLY A 478 -12.24 -22.07 -16.79
CA GLY A 478 -12.01 -22.54 -15.45
C GLY A 478 -13.11 -23.46 -15.00
N LEU A 479 -13.53 -24.35 -15.90
CA LEU A 479 -14.61 -25.27 -15.56
C LEU A 479 -14.07 -26.59 -15.06
N GLY A 480 -12.88 -26.96 -15.51
CA GLY A 480 -12.31 -28.22 -15.06
C GLY A 480 -11.58 -28.13 -13.73
N ARG A 481 -11.39 -26.92 -13.24
CA ARG A 481 -10.70 -26.72 -11.98
C ARG A 481 -11.65 -26.22 -10.91
N LYS A 482 -11.10 -25.93 -9.73
CA LYS A 482 -11.92 -25.42 -8.63
C LYS A 482 -11.16 -24.46 -7.73
N ILE A 483 -11.89 -23.76 -6.87
CA ILE A 483 -11.30 -22.81 -5.95
C ILE A 483 -10.73 -23.53 -4.75
N LEU A 484 -9.40 -23.64 -4.72
CA LEU A 484 -8.72 -24.32 -3.64
C LEU A 484 -7.90 -23.43 -2.72
N VAL A 485 -8.32 -22.17 -2.60
CA VAL A 485 -7.66 -21.20 -1.72
C VAL A 485 -8.73 -20.84 -0.70
N PRO A 486 -8.35 -20.34 0.48
CA PRO A 486 -9.37 -19.99 1.49
C PRO A 486 -10.51 -19.12 0.96
N ALA A 487 -11.75 -19.57 1.16
CA ALA A 487 -12.91 -18.83 0.66
C ALA A 487 -14.00 -18.62 1.69
N LEU A 488 -14.79 -17.57 1.46
CA LEU A 488 -15.87 -17.21 2.34
C LEU A 488 -17.04 -16.77 1.48
N MET A 489 -18.22 -17.29 1.80
CA MET A 489 -19.42 -16.94 1.06
C MET A 489 -20.43 -16.44 2.08
N VAL A 490 -20.69 -15.14 2.04
CA VAL A 490 -21.63 -14.54 2.95
C VAL A 490 -22.93 -14.26 2.24
N THR A 491 -23.98 -14.94 2.69
CA THR A 491 -25.31 -14.82 2.10
C THR A 491 -26.24 -13.88 2.85
N ALA A 492 -27.01 -13.12 2.09
CA ALA A 492 -27.98 -12.18 2.65
C ALA A 492 -29.32 -12.91 2.58
N GLU A 493 -30.20 -12.66 3.53
CA GLU A 493 -31.49 -13.33 3.56
C GLU A 493 -32.55 -12.70 2.67
N LYS A 494 -33.01 -11.50 3.01
CA LYS A 494 -34.04 -10.81 2.24
C LYS A 494 -33.53 -10.17 0.94
N ASP A 495 -32.45 -10.72 0.39
CA ASP A 495 -31.90 -10.20 -0.84
C ASP A 495 -32.76 -10.72 -1.97
N ILE A 496 -33.59 -9.84 -2.51
CA ILE A 496 -34.49 -10.18 -3.60
C ILE A 496 -33.73 -10.91 -4.70
N VAL A 497 -32.97 -10.16 -5.50
CA VAL A 497 -32.15 -10.75 -6.54
C VAL A 497 -30.93 -11.22 -5.75
N LEU A 498 -30.09 -12.08 -6.32
CA LEU A 498 -28.91 -12.57 -5.60
C LEU A 498 -29.35 -13.23 -4.28
N ARG A 499 -30.40 -14.04 -4.36
CA ARG A 499 -30.92 -14.75 -3.19
C ARG A 499 -29.89 -15.76 -2.68
N PRO A 500 -29.89 -16.02 -1.36
CA PRO A 500 -28.93 -16.98 -0.80
C PRO A 500 -28.95 -18.34 -1.48
N GLU A 501 -30.12 -18.98 -1.46
CA GLU A 501 -30.33 -20.31 -2.05
C GLU A 501 -29.63 -20.54 -3.39
N MET A 502 -29.07 -19.48 -3.97
CA MET A 502 -28.37 -19.57 -5.24
C MET A 502 -26.92 -20.05 -5.07
N SER A 503 -26.55 -20.35 -3.82
CA SER A 503 -25.20 -20.84 -3.50
C SER A 503 -25.19 -22.36 -3.36
N LYS A 504 -26.06 -22.86 -2.47
CA LYS A 504 -26.26 -24.28 -2.15
C LYS A 504 -25.32 -25.35 -2.73
N ASN A 505 -25.06 -25.29 -4.03
CA ASN A 505 -24.18 -26.25 -4.68
C ASN A 505 -22.82 -25.67 -4.99
N MET A 506 -22.52 -24.52 -4.39
CA MET A 506 -21.25 -23.84 -4.57
C MET A 506 -20.09 -24.74 -4.16
N GLU A 507 -20.33 -25.59 -3.16
CA GLU A 507 -19.32 -26.51 -2.65
C GLU A 507 -18.87 -27.53 -3.69
N LYS A 508 -19.72 -27.81 -4.67
CA LYS A 508 -19.37 -28.76 -5.72
C LYS A 508 -18.10 -28.25 -6.36
N TRP A 509 -17.96 -26.92 -6.32
CA TRP A 509 -16.82 -26.21 -6.89
C TRP A 509 -15.81 -25.74 -5.85
N ILE A 510 -16.31 -25.37 -4.68
CA ILE A 510 -15.46 -24.86 -3.62
C ILE A 510 -15.58 -25.64 -2.31
N PRO A 511 -14.83 -26.74 -2.21
CA PRO A 511 -14.91 -27.50 -0.95
C PRO A 511 -14.24 -26.67 0.12
N PHE A 512 -14.46 -27.00 1.38
CA PHE A 512 -13.86 -26.25 2.48
C PHE A 512 -14.42 -24.85 2.55
N LEU A 513 -15.16 -24.46 1.52
CA LEU A 513 -15.77 -23.14 1.46
C LEU A 513 -16.49 -22.85 2.77
N LYS A 514 -16.03 -21.85 3.51
CA LYS A 514 -16.68 -21.50 4.77
C LYS A 514 -17.81 -20.54 4.40
N ARG A 515 -18.85 -20.48 5.23
CA ARG A 515 -19.96 -19.59 4.93
C ARG A 515 -20.38 -18.68 6.08
N GLY A 516 -21.12 -17.65 5.74
CA GLY A 516 -21.61 -16.72 6.73
C GLY A 516 -22.95 -16.30 6.20
N HIS A 517 -23.93 -16.10 7.08
CA HIS A 517 -25.27 -15.70 6.66
C HIS A 517 -25.85 -14.67 7.62
N ILE A 518 -26.49 -13.64 7.08
CA ILE A 518 -27.09 -12.60 7.90
C ILE A 518 -28.60 -12.44 7.62
N GLU A 519 -29.37 -12.29 8.69
CA GLU A 519 -30.83 -12.15 8.61
C GLU A 519 -31.29 -10.72 8.37
N ASP A 520 -32.55 -10.57 7.95
CA ASP A 520 -33.15 -9.27 7.68
C ASP A 520 -32.22 -8.32 6.92
N CYS A 521 -31.41 -8.89 6.03
CA CYS A 521 -30.45 -8.10 5.25
C CYS A 521 -30.81 -8.06 3.76
N GLY A 522 -30.89 -6.84 3.22
CA GLY A 522 -31.20 -6.66 1.81
C GLY A 522 -29.99 -6.91 0.95
N HIS A 523 -29.85 -6.14 -0.13
CA HIS A 523 -28.71 -6.28 -1.02
C HIS A 523 -27.52 -5.44 -0.56
N TRP A 524 -27.84 -4.31 0.07
CA TRP A 524 -26.84 -3.40 0.58
C TRP A 524 -26.40 -3.84 1.97
N THR A 525 -25.69 -4.97 1.99
CA THR A 525 -25.18 -5.60 3.20
C THR A 525 -24.24 -4.73 4.04
N GLN A 526 -23.20 -4.21 3.40
CA GLN A 526 -22.20 -3.37 4.04
C GLN A 526 -22.83 -2.16 4.74
N ILE A 527 -23.93 -1.65 4.19
CA ILE A 527 -24.60 -0.50 4.76
C ILE A 527 -25.80 -0.85 5.63
N GLU A 528 -26.40 -2.02 5.38
CA GLU A 528 -27.57 -2.43 6.17
C GLU A 528 -27.17 -3.08 7.49
N LYS A 529 -26.37 -4.13 7.40
CA LYS A 529 -25.91 -4.84 8.60
C LYS A 529 -24.40 -4.73 8.63
N PRO A 530 -23.88 -3.53 8.89
CA PRO A 530 -22.44 -3.26 8.94
C PRO A 530 -21.68 -3.95 10.07
N THR A 531 -22.11 -3.71 11.30
CA THR A 531 -21.45 -4.28 12.46
C THR A 531 -21.24 -5.78 12.29
N GLU A 532 -22.30 -6.48 11.87
CA GLU A 532 -22.21 -7.90 11.67
C GLU A 532 -21.21 -8.18 10.55
N VAL A 533 -21.45 -7.61 9.37
CA VAL A 533 -20.55 -7.81 8.23
C VAL A 533 -19.10 -7.74 8.71
N ASN A 534 -18.83 -6.75 9.54
CA ASN A 534 -17.50 -6.56 10.07
C ASN A 534 -17.12 -7.84 10.82
N GLN A 535 -17.80 -8.07 11.93
CA GLN A 535 -17.57 -9.25 12.76
C GLN A 535 -17.27 -10.46 11.89
N ILE A 536 -18.28 -10.91 11.18
CA ILE A 536 -18.14 -12.06 10.31
C ILE A 536 -16.82 -12.02 9.54
N LEU A 537 -16.57 -10.91 8.87
CA LEU A 537 -15.37 -10.75 8.07
C LEU A 537 -14.10 -10.87 8.89
N ILE A 538 -14.03 -10.08 9.96
CA ILE A 538 -12.87 -10.10 10.84
C ILE A 538 -12.59 -11.51 11.31
N LYS A 539 -13.53 -12.02 12.12
CA LYS A 539 -13.44 -13.37 12.68
C LYS A 539 -13.01 -14.36 11.62
N TRP A 540 -13.41 -14.10 10.37
CA TRP A 540 -13.04 -14.96 9.26
C TRP A 540 -11.53 -14.86 9.06
N LEU A 541 -11.07 -13.67 8.70
CA LEU A 541 -9.64 -13.42 8.46
C LEU A 541 -8.84 -13.88 9.66
N GLN A 542 -9.37 -13.55 10.84
CA GLN A 542 -8.74 -13.92 12.09
C GLN A 542 -8.40 -15.41 12.12
N THR A 543 -9.37 -16.25 11.81
CA THR A 543 -9.12 -17.68 11.81
C THR A 543 -8.44 -18.21 10.53
N GLU A 544 -7.60 -17.40 9.90
CA GLU A 544 -6.87 -17.81 8.69
C GLU A 544 -5.98 -16.70 8.15
N ARG B 4 13.06 -5.38 -30.88
CA ARG B 4 13.38 -6.68 -31.53
C ARG B 4 13.02 -7.87 -30.63
N VAL B 5 12.69 -7.58 -29.38
CA VAL B 5 12.27 -8.61 -28.43
C VAL B 5 13.18 -9.79 -28.09
N ALA B 6 13.03 -10.26 -26.86
CA ALA B 6 13.79 -11.41 -26.38
C ALA B 6 13.01 -12.05 -25.24
N ALA B 7 12.78 -13.36 -25.35
CA ALA B 7 12.03 -14.11 -24.35
C ALA B 7 12.79 -15.31 -23.73
N PHE B 8 12.38 -15.71 -22.52
CA PHE B 8 13.02 -16.81 -21.80
C PHE B 8 12.09 -17.69 -20.95
N ASP B 9 12.20 -19.02 -21.11
CA ASP B 9 11.39 -19.99 -20.35
C ASP B 9 11.80 -19.94 -18.89
N LEU B 10 11.19 -19.03 -18.15
CA LEU B 10 11.47 -18.85 -16.75
C LEU B 10 12.19 -19.98 -15.99
N ASP B 11 11.63 -21.18 -15.95
CA ASP B 11 12.30 -22.26 -15.23
C ASP B 11 13.59 -22.70 -15.91
N GLY B 12 14.72 -22.22 -15.39
CA GLY B 12 16.00 -22.58 -15.95
C GLY B 12 16.69 -21.42 -16.68
N VAL B 13 16.01 -20.29 -16.73
CA VAL B 13 16.56 -19.12 -17.39
C VAL B 13 16.41 -17.94 -16.43
N LEU B 14 15.21 -17.68 -15.97
CA LEU B 14 14.97 -16.59 -15.03
C LEU B 14 14.94 -17.19 -13.63
N ALA B 15 14.41 -18.40 -13.53
CA ALA B 15 14.32 -19.06 -12.23
C ALA B 15 15.27 -20.25 -12.18
N LEU B 16 15.97 -20.36 -11.06
CA LEU B 16 16.91 -21.47 -10.81
C LEU B 16 16.90 -21.75 -9.32
N PRO B 17 17.19 -23.01 -8.92
CA PRO B 17 17.53 -24.13 -9.80
C PRO B 17 16.32 -24.73 -10.50
N SER B 18 16.40 -24.81 -11.83
CA SER B 18 15.31 -25.35 -12.63
C SER B 18 14.62 -26.40 -11.81
N ILE B 19 13.31 -26.27 -11.69
CA ILE B 19 12.47 -27.21 -10.94
C ILE B 19 12.78 -28.62 -11.43
N ALA B 20 12.91 -28.74 -12.75
CA ALA B 20 13.22 -30.01 -13.38
C ALA B 20 14.33 -30.73 -12.61
N GLY B 21 15.32 -29.96 -12.14
CA GLY B 21 16.42 -30.53 -11.40
C GLY B 21 15.94 -31.37 -10.24
N ALA B 22 14.94 -30.85 -9.53
CA ALA B 22 14.40 -31.55 -8.37
C ALA B 22 13.88 -32.93 -8.74
N PHE B 23 13.13 -33.02 -9.83
CA PHE B 23 12.60 -34.30 -10.25
C PHE B 23 13.80 -35.22 -10.34
N ARG B 24 14.73 -34.81 -11.19
CA ARG B 24 15.96 -35.55 -11.44
C ARG B 24 16.54 -36.11 -10.16
N ARG B 25 17.03 -35.22 -9.29
CA ARG B 25 17.61 -35.65 -8.03
C ARG B 25 16.63 -36.50 -7.19
N SER B 26 15.37 -36.54 -7.58
CA SER B 26 14.38 -37.34 -6.84
C SER B 26 14.24 -38.70 -7.48
N GLU B 27 14.45 -38.76 -8.80
CA GLU B 27 14.36 -40.02 -9.52
C GLU B 27 15.39 -40.96 -8.91
N GLU B 28 16.67 -40.66 -9.14
CA GLU B 28 17.78 -41.45 -8.60
C GLU B 28 17.54 -41.82 -7.13
N ALA B 29 17.05 -40.86 -6.34
CA ALA B 29 16.79 -41.09 -4.92
C ALA B 29 16.05 -42.42 -4.72
N LEU B 30 15.01 -42.65 -5.52
CA LEU B 30 14.22 -43.89 -5.42
C LEU B 30 14.47 -44.83 -6.59
N ALA B 31 15.75 -45.04 -6.92
CA ALA B 31 16.17 -45.92 -8.02
C ALA B 31 15.22 -45.95 -9.21
N LEU B 32 14.75 -44.78 -9.62
CA LEU B 32 13.82 -44.69 -10.73
C LEU B 32 14.51 -44.52 -12.08
N PRO B 33 14.14 -45.36 -13.06
CA PRO B 33 14.72 -45.27 -14.39
C PRO B 33 14.67 -43.85 -14.95
N ARG B 34 15.80 -43.41 -15.50
CA ARG B 34 15.94 -42.07 -16.08
C ARG B 34 14.64 -41.56 -16.73
N ASP B 35 14.17 -40.42 -16.24
CA ASP B 35 12.98 -39.78 -16.78
C ASP B 35 11.63 -40.41 -16.42
N PHE B 36 11.55 -41.11 -15.30
CA PHE B 36 10.28 -41.71 -14.92
C PHE B 36 9.20 -40.66 -14.68
N LEU B 37 9.23 -40.03 -13.51
CA LEU B 37 8.25 -38.99 -13.19
C LEU B 37 8.57 -37.72 -13.97
N LEU B 38 9.74 -37.72 -14.59
CA LEU B 38 10.20 -36.60 -15.39
C LEU B 38 9.29 -36.34 -16.57
N GLY B 39 8.69 -37.41 -17.08
CA GLY B 39 7.79 -37.28 -18.21
C GLY B 39 6.73 -36.25 -17.92
N ALA B 40 6.27 -36.22 -16.67
CA ALA B 40 5.26 -35.27 -16.26
C ALA B 40 5.79 -33.84 -16.27
N TYR B 41 6.77 -33.57 -17.12
CA TYR B 41 7.35 -32.25 -17.22
C TYR B 41 8.15 -32.09 -18.51
N GLN B 42 9.22 -32.87 -18.64
CA GLN B 42 10.06 -32.82 -19.85
C GLN B 42 9.78 -33.98 -20.79
N THR B 43 8.76 -33.81 -21.63
CA THR B 43 8.37 -34.83 -22.60
C THR B 43 7.44 -34.29 -23.67
N GLU B 44 7.81 -34.52 -24.92
CA GLU B 44 7.00 -34.07 -26.04
C GLU B 44 5.72 -34.93 -26.04
N PHE B 45 5.48 -35.57 -24.90
CA PHE B 45 4.32 -36.42 -24.68
C PHE B 45 3.38 -35.65 -23.75
N PRO B 46 3.00 -34.41 -24.12
CA PRO B 46 2.11 -33.63 -23.27
C PRO B 46 0.78 -34.34 -23.18
N GLU B 47 0.63 -35.15 -22.14
CA GLU B 47 -0.60 -35.90 -21.95
C GLU B 47 -1.02 -36.06 -20.50
N GLY B 48 -2.16 -36.71 -20.32
CA GLY B 48 -2.71 -36.95 -19.00
C GLY B 48 -2.95 -35.67 -18.25
N PRO B 49 -2.86 -35.72 -16.91
CA PRO B 49 -3.06 -34.58 -16.02
C PRO B 49 -2.02 -33.48 -16.20
N THR B 50 -0.75 -33.86 -16.28
CA THR B 50 0.30 -32.85 -16.44
C THR B 50 0.04 -31.94 -17.64
N GLU B 51 -0.84 -32.38 -18.55
CA GLU B 51 -1.18 -31.61 -19.73
C GLU B 51 -2.43 -30.76 -19.55
N GLN B 52 -3.15 -30.98 -18.45
CA GLN B 52 -4.34 -30.19 -18.17
C GLN B 52 -3.88 -29.09 -17.21
N LEU B 53 -2.67 -29.31 -16.67
CA LEU B 53 -2.04 -28.41 -15.73
C LEU B 53 -1.44 -27.21 -16.45
N MET B 54 -0.46 -27.47 -17.32
CA MET B 54 0.20 -26.43 -18.07
C MET B 54 -0.81 -25.77 -19.00
N LYS B 55 -1.88 -26.51 -19.30
CA LYS B 55 -2.95 -26.04 -20.18
C LYS B 55 -3.93 -25.14 -19.43
N GLY B 56 -3.79 -25.12 -18.11
CA GLY B 56 -4.64 -24.30 -17.26
C GLY B 56 -6.08 -24.73 -17.24
N LYS B 57 -6.34 -26.02 -17.41
CA LYS B 57 -7.71 -26.52 -17.38
C LYS B 57 -8.07 -26.84 -15.92
N ILE B 58 -7.08 -27.37 -15.21
CA ILE B 58 -7.21 -27.74 -13.81
C ILE B 58 -6.11 -27.09 -12.99
N THR B 59 -6.40 -26.76 -11.73
CA THR B 59 -5.40 -26.15 -10.86
C THR B 59 -4.30 -27.15 -10.47
N PHE B 60 -3.51 -26.74 -9.50
CA PHE B 60 -2.43 -27.56 -9.02
C PHE B 60 -2.99 -28.61 -8.07
N SER B 61 -3.53 -28.14 -6.95
CA SER B 61 -4.09 -29.04 -5.96
C SER B 61 -4.80 -30.26 -6.53
N GLN B 62 -5.49 -30.08 -7.66
CA GLN B 62 -6.17 -31.20 -8.28
C GLN B 62 -5.14 -32.08 -8.96
N TRP B 63 -4.23 -31.42 -9.68
CA TRP B 63 -3.16 -32.12 -10.39
C TRP B 63 -2.37 -33.09 -9.52
N VAL B 64 -2.57 -33.05 -8.22
CA VAL B 64 -1.83 -33.98 -7.37
C VAL B 64 -2.58 -35.31 -7.32
N PRO B 65 -3.78 -35.33 -6.72
CA PRO B 65 -4.49 -36.61 -6.68
C PRO B 65 -4.53 -37.33 -8.03
N LEU B 66 -4.65 -36.57 -9.10
CA LEU B 66 -4.72 -37.14 -10.43
C LEU B 66 -3.37 -37.66 -10.93
N MET B 67 -2.37 -36.77 -10.94
CA MET B 67 -1.03 -37.12 -11.38
C MET B 67 -0.50 -38.23 -10.50
N ASP B 68 -0.72 -38.09 -9.19
CA ASP B 68 -0.28 -39.08 -8.22
C ASP B 68 -0.60 -40.48 -8.75
N GLU B 69 -1.88 -40.73 -9.01
CA GLU B 69 -2.34 -42.01 -9.52
C GLU B 69 -1.87 -42.32 -10.94
N SER B 70 -1.79 -41.32 -11.80
CA SER B 70 -1.32 -41.56 -13.17
C SER B 70 0.12 -42.02 -13.12
N TYR B 71 0.78 -41.75 -12.01
CA TYR B 71 2.15 -42.17 -11.83
C TYR B 71 2.05 -43.60 -11.36
N ARG B 72 1.21 -43.81 -10.35
CA ARG B 72 0.96 -45.12 -9.79
C ARG B 72 0.61 -46.10 -10.91
N LYS B 73 0.30 -45.56 -12.09
CA LYS B 73 -0.05 -46.39 -13.25
C LYS B 73 1.13 -47.32 -13.52
N SER B 74 2.26 -46.74 -13.91
CA SER B 74 3.43 -47.55 -14.17
C SER B 74 4.13 -47.88 -12.85
N SER B 75 3.51 -47.49 -11.74
CA SER B 75 4.06 -47.75 -10.40
C SER B 75 4.76 -49.08 -10.34
N LYS B 76 3.99 -50.14 -10.13
CA LYS B 76 4.52 -51.49 -10.08
C LYS B 76 4.39 -52.09 -11.48
N ALA B 77 3.51 -51.47 -12.28
CA ALA B 77 3.26 -51.90 -13.66
C ALA B 77 4.28 -51.25 -14.57
N CYS B 78 5.00 -52.07 -15.35
CA CYS B 78 6.03 -51.62 -16.29
C CYS B 78 6.97 -50.55 -15.71
N GLY B 79 7.85 -50.98 -14.82
CA GLY B 79 8.79 -50.07 -14.19
C GLY B 79 9.16 -50.50 -12.79
N ALA B 80 10.13 -49.80 -12.20
CA ALA B 80 10.61 -50.10 -10.84
C ALA B 80 9.58 -49.83 -9.74
N ASN B 81 9.88 -50.30 -8.54
CA ASN B 81 8.98 -50.13 -7.40
C ASN B 81 8.78 -48.65 -7.05
N LEU B 82 7.52 -48.22 -7.08
CA LEU B 82 7.17 -46.85 -6.72
C LEU B 82 6.27 -46.96 -5.50
N PRO B 83 6.82 -46.67 -4.31
CA PRO B 83 6.11 -46.73 -3.03
C PRO B 83 4.61 -46.57 -3.17
N GLU B 84 3.86 -47.48 -2.57
CA GLU B 84 2.41 -47.45 -2.64
C GLU B 84 1.83 -46.08 -2.26
N ASN B 85 2.01 -45.72 -1.00
CA ASN B 85 1.51 -44.43 -0.48
C ASN B 85 2.22 -43.24 -1.13
N PHE B 86 3.33 -43.50 -1.84
CA PHE B 86 4.11 -42.44 -2.48
C PHE B 86 3.35 -41.37 -3.24
N SER B 87 3.59 -40.13 -2.88
CA SER B 87 2.95 -39.00 -3.52
C SER B 87 3.99 -38.12 -4.21
N ILE B 88 3.54 -36.97 -4.72
CA ILE B 88 4.43 -36.04 -5.40
C ILE B 88 4.05 -34.61 -4.99
N SER B 89 3.19 -34.51 -3.99
CA SER B 89 2.73 -33.21 -3.50
C SER B 89 3.88 -32.35 -2.98
N GLN B 90 4.23 -32.55 -1.72
CA GLN B 90 5.29 -31.77 -1.08
C GLN B 90 6.69 -31.91 -1.67
N ILE B 91 6.83 -32.56 -2.83
CA ILE B 91 8.16 -32.71 -3.46
C ILE B 91 8.32 -31.77 -4.65
N PHE B 92 7.19 -31.47 -5.31
CA PHE B 92 7.15 -30.57 -6.46
C PHE B 92 7.02 -29.17 -5.87
N SER B 93 6.36 -29.10 -4.71
CA SER B 93 6.11 -27.88 -3.97
C SER B 93 7.39 -27.22 -3.50
N GLN B 94 8.29 -28.00 -2.91
CA GLN B 94 9.57 -27.46 -2.42
C GLN B 94 10.41 -26.96 -3.57
N ALA B 95 10.60 -27.84 -4.53
CA ALA B 95 11.37 -27.51 -5.71
C ALA B 95 10.94 -26.17 -6.27
N MET B 96 9.64 -25.90 -6.24
CA MET B 96 9.13 -24.64 -6.76
C MET B 96 9.44 -23.47 -5.85
N ALA B 97 9.50 -23.74 -4.55
CA ALA B 97 9.78 -22.71 -3.56
C ALA B 97 11.26 -22.46 -3.41
N ALA B 98 12.02 -23.54 -3.37
CA ALA B 98 13.48 -23.45 -3.22
C ALA B 98 14.12 -22.64 -4.32
N ARG B 99 13.38 -22.40 -5.40
CA ARG B 99 13.94 -21.64 -6.51
C ARG B 99 13.70 -20.13 -6.45
N SER B 100 14.73 -19.38 -6.87
CA SER B 100 14.71 -17.92 -6.88
C SER B 100 15.08 -17.34 -8.25
N ILE B 101 15.07 -16.00 -8.34
CA ILE B 101 15.39 -15.27 -9.57
C ILE B 101 16.86 -15.37 -9.94
N ASN B 102 17.11 -15.44 -11.26
CA ASN B 102 18.47 -15.53 -11.82
C ASN B 102 18.93 -14.08 -12.07
N ARG B 103 19.41 -13.44 -11.00
CA ARG B 103 19.85 -12.06 -11.03
C ARG B 103 20.61 -11.63 -12.31
N PRO B 104 21.72 -12.30 -12.64
CA PRO B 104 22.45 -11.92 -13.85
C PRO B 104 21.59 -11.94 -15.11
N MET B 105 20.75 -12.96 -15.23
CA MET B 105 19.85 -13.11 -16.39
C MET B 105 18.81 -11.99 -16.39
N LEU B 106 18.26 -11.68 -15.22
CA LEU B 106 17.29 -10.61 -15.11
C LEU B 106 18.04 -9.37 -15.58
N GLN B 107 19.30 -9.29 -15.16
CA GLN B 107 20.15 -8.18 -15.53
C GLN B 107 20.14 -8.13 -17.05
N ALA B 108 20.58 -9.23 -17.64
CA ALA B 108 20.63 -9.36 -19.10
C ALA B 108 19.35 -8.83 -19.76
N ALA B 109 18.22 -8.96 -19.07
CA ALA B 109 16.96 -8.51 -19.62
C ALA B 109 16.82 -7.00 -19.55
N ILE B 110 16.89 -6.44 -18.34
CA ILE B 110 16.77 -5.00 -18.20
C ILE B 110 17.75 -4.30 -19.12
N ALA B 111 18.83 -5.01 -19.43
CA ALA B 111 19.84 -4.46 -20.33
C ALA B 111 19.13 -4.08 -21.63
N LEU B 112 18.74 -5.09 -22.39
CA LEU B 112 18.06 -4.89 -23.67
C LEU B 112 16.89 -3.94 -23.48
N LYS B 113 16.12 -4.16 -22.40
CA LYS B 113 14.97 -3.32 -22.08
C LYS B 113 15.42 -1.86 -22.14
N LYS B 114 16.53 -1.58 -21.48
CA LYS B 114 17.07 -0.24 -21.50
C LYS B 114 17.48 0.01 -22.95
N LYS B 115 18.35 -0.86 -23.47
CA LYS B 115 18.84 -0.74 -24.85
C LYS B 115 17.74 -0.49 -25.87
N GLY B 116 16.50 -0.80 -25.50
CA GLY B 116 15.39 -0.62 -26.42
C GLY B 116 15.00 -1.90 -27.14
N PHE B 117 14.66 -2.94 -26.38
CA PHE B 117 14.25 -4.23 -26.93
C PHE B 117 12.89 -4.57 -26.29
N THR B 118 12.22 -5.58 -26.83
CA THR B 118 10.93 -5.99 -26.26
C THR B 118 11.11 -7.31 -25.53
N THR B 119 11.36 -7.21 -24.24
CA THR B 119 11.55 -8.37 -23.40
C THR B 119 10.19 -9.03 -23.16
N CYS B 120 10.23 -10.23 -22.59
CA CYS B 120 9.04 -10.98 -22.24
C CYS B 120 9.42 -12.39 -21.82
N ILE B 121 8.43 -13.11 -21.31
CA ILE B 121 8.63 -14.48 -20.87
C ILE B 121 7.57 -15.43 -21.44
N VAL B 122 8.03 -16.54 -21.99
CA VAL B 122 7.14 -17.53 -22.56
C VAL B 122 7.41 -18.82 -21.78
N THR B 123 6.63 -19.04 -20.73
CA THR B 123 6.82 -20.22 -19.89
C THR B 123 5.63 -21.17 -19.88
N ASN B 124 5.89 -22.41 -19.47
CA ASN B 124 4.85 -23.39 -19.34
C ASN B 124 4.35 -23.28 -17.93
N ASN B 125 3.40 -22.39 -17.74
CA ASN B 125 2.82 -22.11 -16.44
C ASN B 125 1.79 -23.13 -15.99
N TRP B 126 1.38 -22.95 -14.73
CA TRP B 126 0.37 -23.77 -14.07
C TRP B 126 -0.14 -22.87 -12.97
N LEU B 127 -1.43 -22.96 -12.66
CA LEU B 127 -2.01 -22.12 -11.60
C LEU B 127 -1.80 -22.73 -10.23
N ASP B 128 -0.87 -22.16 -9.47
CA ASP B 128 -0.56 -22.68 -8.16
C ASP B 128 -1.46 -22.20 -7.05
N ASP B 129 -2.38 -23.06 -6.64
CA ASP B 129 -3.29 -22.75 -5.53
C ASP B 129 -2.73 -23.49 -4.32
N GLY B 130 -1.40 -23.59 -4.26
CA GLY B 130 -0.71 -24.28 -3.19
C GLY B 130 -0.62 -23.58 -1.83
N ASP B 131 -0.20 -24.35 -0.84
CA ASP B 131 -0.06 -23.85 0.53
C ASP B 131 1.06 -22.82 0.58
N LYS B 132 1.92 -22.85 -0.43
CA LYS B 132 3.05 -21.93 -0.53
C LYS B 132 3.14 -21.36 -1.93
N ARG B 133 2.02 -20.84 -2.44
CA ARG B 133 2.00 -20.27 -3.78
C ARG B 133 2.45 -18.82 -3.72
N ASP B 134 2.55 -18.29 -2.50
CA ASP B 134 2.98 -16.92 -2.32
C ASP B 134 4.29 -16.72 -3.07
N SER B 135 5.31 -17.47 -2.68
CA SER B 135 6.61 -17.36 -3.32
C SER B 135 6.49 -16.99 -4.80
N LEU B 136 5.72 -17.78 -5.52
CA LEU B 136 5.54 -17.54 -6.95
C LEU B 136 5.02 -16.13 -7.20
N ALA B 137 4.03 -15.70 -6.42
CA ALA B 137 3.45 -14.37 -6.57
C ALA B 137 4.52 -13.26 -6.50
N GLN B 138 5.37 -13.35 -5.49
CA GLN B 138 6.43 -12.38 -5.32
C GLN B 138 7.32 -12.41 -6.54
N MET B 139 8.04 -13.51 -6.72
CA MET B 139 8.94 -13.65 -7.85
C MET B 139 8.27 -13.19 -9.14
N MET B 140 6.96 -13.44 -9.23
CA MET B 140 6.22 -13.05 -10.42
C MET B 140 5.88 -11.57 -10.41
N CYS B 141 5.61 -11.06 -9.21
CA CYS B 141 5.29 -9.66 -9.01
C CYS B 141 6.53 -8.79 -9.31
N GLU B 142 7.71 -9.38 -9.14
CA GLU B 142 8.96 -8.68 -9.37
C GLU B 142 9.28 -8.60 -10.85
N LEU B 143 9.38 -9.76 -11.50
CA LEU B 143 9.70 -9.82 -12.91
C LEU B 143 8.72 -9.02 -13.73
N SER B 144 7.58 -8.74 -13.10
CA SER B 144 6.48 -7.99 -13.70
C SER B 144 6.84 -6.76 -14.48
N GLN B 145 7.58 -5.86 -13.85
CA GLN B 145 7.95 -4.61 -14.47
C GLN B 145 9.02 -4.67 -15.57
N HIS B 146 9.85 -5.70 -15.53
CA HIS B 146 10.94 -5.85 -16.49
C HIS B 146 10.63 -6.43 -17.86
N PHE B 147 9.38 -6.83 -18.07
CA PHE B 147 9.02 -7.40 -19.35
C PHE B 147 7.76 -6.79 -19.88
N ASP B 148 7.68 -6.76 -21.20
CA ASP B 148 6.55 -6.19 -21.88
C ASP B 148 5.40 -7.17 -22.03
N PHE B 149 5.73 -8.44 -22.25
CA PHE B 149 4.73 -9.49 -22.43
C PHE B 149 5.00 -10.77 -21.64
N LEU B 150 3.93 -11.35 -21.09
CA LEU B 150 4.02 -12.59 -20.34
C LEU B 150 3.16 -13.66 -20.96
N ILE B 151 3.79 -14.60 -21.65
CA ILE B 151 3.06 -15.70 -22.29
C ILE B 151 3.04 -16.93 -21.37
N GLU B 152 2.02 -17.01 -20.52
CA GLU B 152 1.90 -18.14 -19.62
C GLU B 152 1.19 -19.29 -20.32
N SER B 153 1.84 -20.46 -20.37
CA SER B 153 1.24 -21.62 -21.00
C SER B 153 -0.13 -21.88 -20.39
N CYS B 154 -0.20 -21.84 -19.06
CA CYS B 154 -1.45 -22.08 -18.37
C CYS B 154 -2.47 -20.93 -18.46
N GLN B 155 -2.24 -19.99 -19.37
CA GLN B 155 -3.17 -18.88 -19.50
C GLN B 155 -3.70 -18.75 -20.92
N VAL B 156 -2.90 -19.19 -21.88
CA VAL B 156 -3.30 -19.10 -23.29
C VAL B 156 -3.72 -20.44 -23.89
N GLY B 157 -4.01 -21.42 -23.04
CA GLY B 157 -4.43 -22.71 -23.53
C GLY B 157 -3.34 -23.61 -24.12
N MET B 158 -2.44 -23.02 -24.90
CA MET B 158 -1.36 -23.79 -25.51
C MET B 158 -0.10 -23.85 -24.64
N ILE B 159 0.64 -24.95 -24.72
CA ILE B 159 1.87 -25.11 -23.95
C ILE B 159 3.00 -25.51 -24.87
N LYS B 160 4.23 -25.30 -24.41
CA LYS B 160 5.43 -25.64 -25.17
C LYS B 160 5.61 -27.16 -25.20
N PRO B 161 6.15 -27.69 -26.30
CA PRO B 161 6.58 -26.99 -27.51
C PRO B 161 5.58 -27.00 -28.68
N GLU B 162 4.29 -27.08 -28.37
CA GLU B 162 3.26 -27.12 -29.40
C GLU B 162 3.24 -25.84 -30.24
N PRO B 163 3.71 -25.91 -31.48
CA PRO B 163 3.78 -24.79 -32.43
C PRO B 163 2.77 -23.66 -32.26
N GLN B 164 1.49 -23.99 -32.08
CA GLN B 164 0.46 -22.97 -31.94
C GLN B 164 0.78 -21.92 -30.86
N ILE B 165 1.52 -22.29 -29.82
CA ILE B 165 1.88 -21.32 -28.77
C ILE B 165 2.79 -20.27 -29.39
N TYR B 166 3.91 -20.74 -29.93
CA TYR B 166 4.88 -19.86 -30.56
C TYR B 166 4.22 -18.95 -31.57
N ASN B 167 3.38 -19.50 -32.43
CA ASN B 167 2.72 -18.67 -33.42
C ASN B 167 1.82 -17.64 -32.75
N PHE B 168 1.50 -17.86 -31.48
CA PHE B 168 0.65 -16.92 -30.74
C PHE B 168 1.47 -15.76 -30.17
N LEU B 169 2.75 -16.00 -29.89
CA LEU B 169 3.65 -14.99 -29.33
C LEU B 169 3.98 -13.91 -30.35
N LEU B 170 4.57 -14.34 -31.47
CA LEU B 170 4.94 -13.41 -32.52
C LEU B 170 3.70 -12.61 -32.91
N ASP B 171 2.53 -13.25 -32.85
CA ASP B 171 1.28 -12.60 -33.20
C ASP B 171 1.09 -11.29 -32.43
N THR B 172 1.33 -11.33 -31.12
CA THR B 172 1.18 -10.16 -30.26
C THR B 172 2.43 -9.28 -30.33
N LEU B 173 3.59 -9.92 -30.34
CA LEU B 173 4.85 -9.20 -30.41
C LEU B 173 4.97 -8.53 -31.77
N LYS B 174 4.06 -8.87 -32.67
CA LYS B 174 4.05 -8.30 -34.02
C LYS B 174 5.48 -8.31 -34.56
N ALA B 175 6.08 -9.50 -34.61
CA ALA B 175 7.43 -9.65 -35.12
C ALA B 175 7.58 -10.89 -35.98
N LYS B 176 8.73 -11.00 -36.64
CA LYS B 176 9.02 -12.14 -37.50
C LYS B 176 9.95 -13.06 -36.71
N PRO B 177 9.99 -14.35 -37.08
CA PRO B 177 10.86 -15.31 -36.39
C PRO B 177 12.32 -14.88 -36.30
N ASN B 178 12.80 -14.13 -37.29
CA ASN B 178 14.21 -13.69 -37.31
C ASN B 178 14.60 -12.66 -36.24
N GLU B 179 13.84 -11.58 -36.15
CA GLU B 179 14.11 -10.52 -35.19
C GLU B 179 13.56 -10.78 -33.79
N VAL B 180 13.80 -11.99 -33.28
CA VAL B 180 13.34 -12.37 -31.96
C VAL B 180 14.18 -13.57 -31.51
N VAL B 181 14.55 -13.55 -30.25
CA VAL B 181 15.38 -14.62 -29.71
C VAL B 181 14.71 -15.30 -28.51
N PHE B 182 14.79 -16.63 -28.49
CA PHE B 182 14.19 -17.45 -27.43
C PHE B 182 15.24 -18.15 -26.53
N LEU B 183 15.01 -18.09 -25.23
CA LEU B 183 15.90 -18.69 -24.24
C LEU B 183 15.23 -19.82 -23.45
N ASP B 184 15.76 -21.03 -23.55
CA ASP B 184 15.20 -22.16 -22.81
C ASP B 184 16.30 -23.06 -22.29
N ASP B 185 15.99 -23.84 -21.26
CA ASP B 185 16.95 -24.74 -20.66
C ASP B 185 16.77 -26.18 -21.09
N PHE B 186 15.94 -26.39 -22.11
CA PHE B 186 15.69 -27.75 -22.58
C PHE B 186 16.31 -28.03 -23.94
N GLY B 187 15.96 -27.20 -24.92
CA GLY B 187 16.48 -27.37 -26.26
C GLY B 187 15.45 -28.09 -27.10
N SER B 188 14.78 -29.05 -26.48
CA SER B 188 13.73 -29.82 -27.13
C SER B 188 12.57 -28.85 -27.28
N ASN B 189 12.67 -27.76 -26.52
CA ASN B 189 11.66 -26.70 -26.52
C ASN B 189 12.14 -25.64 -27.50
N LEU B 190 13.45 -25.63 -27.74
CA LEU B 190 14.08 -24.69 -28.64
C LEU B 190 14.04 -25.13 -30.10
N LYS B 191 13.90 -26.43 -30.33
CA LYS B 191 13.86 -26.95 -31.69
C LYS B 191 12.90 -26.16 -32.60
N PRO B 192 11.62 -25.98 -32.17
CA PRO B 192 10.63 -25.24 -32.96
C PRO B 192 11.08 -23.84 -33.34
N ALA B 193 11.57 -23.11 -32.33
CA ALA B 193 12.04 -21.74 -32.52
C ALA B 193 12.95 -21.59 -33.74
N ARG B 194 14.08 -22.31 -33.73
CA ARG B 194 15.01 -22.24 -34.83
C ARG B 194 14.27 -22.48 -36.14
N ASP B 195 13.63 -23.65 -36.22
CA ASP B 195 12.88 -24.03 -37.41
C ASP B 195 12.02 -22.90 -37.94
N MET B 196 11.48 -22.07 -37.05
CA MET B 196 10.63 -20.96 -37.47
C MET B 196 11.45 -19.82 -38.07
N GLY B 197 12.64 -19.62 -37.51
CA GLY B 197 13.51 -18.56 -37.98
C GLY B 197 14.02 -17.71 -36.83
N MET B 198 13.85 -18.20 -35.62
CA MET B 198 14.29 -17.48 -34.44
C MET B 198 15.72 -17.79 -34.04
N VAL B 199 16.27 -16.95 -33.18
CA VAL B 199 17.64 -17.13 -32.71
C VAL B 199 17.61 -18.04 -31.48
N THR B 200 18.07 -19.28 -31.66
CA THR B 200 18.09 -20.28 -30.59
C THR B 200 19.26 -20.10 -29.64
N ILE B 201 19.10 -20.55 -28.40
CA ILE B 201 20.17 -20.46 -27.41
C ILE B 201 19.87 -21.32 -26.19
N LEU B 202 20.66 -22.38 -26.05
CA LEU B 202 20.50 -23.32 -24.95
C LEU B 202 20.91 -22.69 -23.62
N VAL B 203 19.93 -22.19 -22.87
CA VAL B 203 20.16 -21.56 -21.58
C VAL B 203 20.63 -22.58 -20.53
N HIS B 204 21.57 -23.43 -20.94
CA HIS B 204 22.12 -24.43 -20.06
C HIS B 204 23.20 -23.77 -19.19
N ASN B 205 24.04 -24.60 -18.55
CA ASN B 205 25.11 -24.10 -17.68
C ASN B 205 24.49 -23.53 -16.40
N THR B 206 24.30 -22.20 -16.37
CA THR B 206 23.72 -21.49 -15.23
C THR B 206 23.62 -20.00 -15.59
N ALA B 207 24.63 -19.48 -16.27
CA ALA B 207 24.65 -18.09 -16.67
C ALA B 207 25.83 -17.88 -17.61
N SER B 208 26.58 -16.80 -17.38
CA SER B 208 27.75 -16.45 -18.18
C SER B 208 27.71 -17.11 -19.55
N ALA B 209 28.16 -18.37 -19.62
CA ALA B 209 28.18 -19.11 -20.87
C ALA B 209 26.98 -18.75 -21.76
N LEU B 210 25.81 -18.60 -21.14
CA LEU B 210 24.60 -18.25 -21.85
C LEU B 210 24.61 -16.78 -22.24
N ARG B 211 24.91 -15.92 -21.27
CA ARG B 211 25.00 -14.47 -21.47
C ARG B 211 26.19 -14.18 -22.39
N GLU B 212 27.08 -15.16 -22.50
CA GLU B 212 28.27 -15.07 -23.34
C GLU B 212 27.80 -15.18 -24.78
N LEU B 213 27.31 -16.38 -25.14
CA LEU B 213 26.81 -16.62 -26.49
C LEU B 213 25.75 -15.59 -26.76
N GLU B 214 25.15 -15.07 -25.69
CA GLU B 214 24.13 -14.05 -25.84
C GLU B 214 24.82 -12.76 -26.23
N LYS B 215 25.68 -12.25 -25.34
CA LYS B 215 26.42 -11.02 -25.60
C LYS B 215 26.69 -10.92 -27.10
N VAL B 216 27.24 -12.02 -27.62
CA VAL B 216 27.59 -12.18 -29.02
C VAL B 216 26.53 -11.71 -30.04
N THR B 217 25.30 -11.48 -29.59
CA THR B 217 24.26 -11.03 -30.50
C THR B 217 23.47 -9.83 -30.01
N GLY B 218 23.92 -9.23 -28.91
CA GLY B 218 23.24 -8.07 -28.40
C GLY B 218 24.29 -7.00 -28.18
N THR B 219 24.79 -6.95 -26.95
CA THR B 219 25.81 -6.00 -26.54
C THR B 219 26.52 -6.61 -25.34
N GLN B 220 27.01 -5.78 -24.44
CA GLN B 220 27.69 -6.27 -23.24
C GLN B 220 26.92 -5.87 -22.00
N PHE B 221 27.08 -6.67 -20.94
CA PHE B 221 26.39 -6.41 -19.70
C PHE B 221 27.32 -6.07 -18.56
N PRO B 222 26.87 -5.16 -17.68
CA PRO B 222 27.68 -4.74 -16.53
C PRO B 222 28.21 -5.94 -15.79
N GLU B 223 29.24 -5.70 -14.98
CA GLU B 223 29.87 -6.74 -14.19
C GLU B 223 29.25 -6.65 -12.80
N ALA B 224 28.86 -5.43 -12.43
CA ALA B 224 28.22 -5.11 -11.17
C ALA B 224 27.19 -4.07 -11.55
N PRO B 225 26.13 -4.49 -12.25
CA PRO B 225 25.06 -3.60 -12.70
C PRO B 225 24.49 -2.67 -11.64
N LEU B 226 23.82 -1.64 -12.13
CA LEU B 226 23.21 -0.61 -11.29
C LEU B 226 21.84 -1.09 -10.74
N PRO B 227 21.76 -1.36 -9.43
CA PRO B 227 20.57 -1.81 -8.72
C PRO B 227 19.23 -1.38 -9.34
N VAL B 228 18.20 -2.19 -9.11
CA VAL B 228 16.85 -1.94 -9.62
C VAL B 228 16.30 -0.55 -9.20
N PRO B 229 16.11 0.36 -10.18
CA PRO B 229 15.59 1.72 -9.97
C PRO B 229 14.07 1.83 -10.20
N CYS B 230 13.36 2.36 -9.21
CA CYS B 230 11.91 2.49 -9.30
C CYS B 230 11.40 3.78 -9.96
N ASN B 231 11.34 3.77 -11.29
CA ASN B 231 10.86 4.91 -12.05
C ASN B 231 10.47 4.40 -13.45
N PRO B 232 9.91 5.26 -14.31
CA PRO B 232 9.59 6.67 -14.09
C PRO B 232 8.29 6.90 -13.30
N ASN B 233 7.20 7.04 -14.04
CA ASN B 233 5.87 7.26 -13.48
C ASN B 233 5.16 5.94 -13.15
N ASP B 234 5.85 4.83 -13.37
CA ASP B 234 5.31 3.49 -13.10
C ASP B 234 5.20 3.17 -11.63
N VAL B 235 4.55 4.02 -10.86
CA VAL B 235 4.40 3.78 -9.42
C VAL B 235 3.07 4.30 -8.92
N SER B 236 2.74 3.96 -7.67
CA SER B 236 1.50 4.44 -7.05
C SER B 236 1.82 5.80 -6.44
N HIS B 237 0.83 6.68 -6.40
CA HIS B 237 1.06 8.00 -5.83
C HIS B 237 0.04 8.36 -4.77
N GLY B 238 0.38 8.14 -3.50
CA GLY B 238 -0.55 8.45 -2.43
C GLY B 238 -0.65 9.94 -2.20
N TYR B 239 -1.74 10.37 -1.57
CA TYR B 239 -1.93 11.78 -1.28
C TYR B 239 -2.72 12.00 0.02
N VAL B 240 -2.01 12.19 1.12
CA VAL B 240 -2.64 12.41 2.42
C VAL B 240 -2.77 13.89 2.71
N THR B 241 -3.94 14.32 3.19
CA THR B 241 -4.13 15.72 3.53
C THR B 241 -4.11 15.75 5.05
N VAL B 242 -3.04 16.29 5.61
CA VAL B 242 -2.84 16.37 7.07
C VAL B 242 -3.47 17.56 7.79
N LYS B 243 -3.51 18.70 7.11
CA LYS B 243 -4.07 19.93 7.65
C LYS B 243 -4.81 20.51 6.47
N PRO B 244 -5.71 21.48 6.68
CA PRO B 244 -6.43 22.06 5.55
C PRO B 244 -5.63 22.24 4.25
N GLY B 245 -5.04 23.42 4.08
CA GLY B 245 -4.30 23.66 2.85
C GLY B 245 -3.12 22.73 2.53
N ILE B 246 -2.66 21.97 3.51
CA ILE B 246 -1.50 21.10 3.28
C ILE B 246 -1.77 19.61 3.11
N ARG B 247 -1.28 19.06 2.00
CA ARG B 247 -1.43 17.65 1.70
C ARG B 247 -0.05 17.13 1.30
N LEU B 248 0.30 15.93 1.76
CA LEU B 248 1.60 15.33 1.49
C LEU B 248 1.56 14.18 0.48
N HIS B 249 2.16 14.36 -0.69
CA HIS B 249 2.18 13.30 -1.68
C HIS B 249 3.35 12.35 -1.40
N PHE B 250 3.21 11.08 -1.80
CA PHE B 250 4.30 10.13 -1.60
C PHE B 250 4.24 9.04 -2.65
N VAL B 251 4.91 7.93 -2.38
CA VAL B 251 4.94 6.80 -3.30
C VAL B 251 4.87 5.52 -2.46
N GLU B 252 4.37 4.44 -3.04
CA GLU B 252 4.23 3.19 -2.28
C GLU B 252 4.70 1.97 -3.04
N MET B 253 5.21 1.00 -2.30
CA MET B 253 5.70 -0.23 -2.89
C MET B 253 5.86 -1.37 -1.89
N GLY B 254 5.40 -2.55 -2.27
CA GLY B 254 5.52 -3.71 -1.42
C GLY B 254 4.58 -3.78 -0.23
N SER B 255 4.69 -4.87 0.53
CA SER B 255 3.85 -5.09 1.71
C SER B 255 4.63 -4.90 3.01
N GLY B 256 3.93 -4.31 4.00
CA GLY B 256 4.48 -4.00 5.32
C GLY B 256 5.62 -4.86 5.86
N PRO B 257 6.26 -4.44 6.97
CA PRO B 257 5.98 -3.23 7.74
C PRO B 257 6.41 -1.96 7.00
N ALA B 258 5.91 -0.83 7.47
CA ALA B 258 6.20 0.44 6.81
C ALA B 258 7.43 1.19 7.26
N LEU B 259 8.11 1.78 6.27
CA LEU B 259 9.28 2.59 6.51
C LEU B 259 9.27 3.73 5.51
N CYS B 260 9.08 4.94 6.03
CA CYS B 260 9.05 6.12 5.18
C CYS B 260 10.45 6.65 4.89
N LEU B 261 10.69 6.96 3.62
CA LEU B 261 11.96 7.49 3.17
C LEU B 261 11.83 9.00 2.91
N CYS B 262 12.38 9.82 3.80
CA CYS B 262 12.31 11.27 3.63
C CYS B 262 13.59 11.85 3.02
N HIS B 263 13.44 12.64 1.97
CA HIS B 263 14.57 13.25 1.27
C HIS B 263 15.08 14.56 1.88
N GLY B 264 16.17 15.07 1.31
CA GLY B 264 16.77 16.30 1.79
C GLY B 264 16.79 17.48 0.81
N PHE B 265 17.69 18.42 1.05
CA PHE B 265 17.78 19.60 0.19
C PHE B 265 18.93 19.61 -0.81
N PRO B 266 18.63 19.92 -2.07
CA PRO B 266 17.30 20.25 -2.62
C PRO B 266 16.86 19.04 -3.47
N GLU B 267 16.21 18.07 -2.84
CA GLU B 267 15.80 16.87 -3.57
C GLU B 267 14.30 16.57 -3.63
N SER B 268 13.99 15.30 -3.86
CA SER B 268 12.61 14.79 -3.95
C SER B 268 12.57 13.29 -3.67
N TRP B 269 11.37 12.74 -3.53
CA TRP B 269 11.22 11.31 -3.28
C TRP B 269 11.99 10.56 -4.36
N PHE B 270 11.95 11.10 -5.57
CA PHE B 270 12.60 10.49 -6.72
C PHE B 270 14.05 10.12 -6.43
N SER B 271 14.63 10.76 -5.43
CA SER B 271 16.02 10.50 -5.04
C SER B 271 16.22 9.04 -4.62
N TRP B 272 15.28 8.52 -3.84
CA TRP B 272 15.36 7.15 -3.37
C TRP B 272 15.03 6.14 -4.47
N ARG B 273 14.97 6.62 -5.71
CA ARG B 273 14.62 5.78 -6.84
C ARG B 273 15.37 4.45 -6.88
N TYR B 274 16.51 4.37 -6.20
CA TYR B 274 17.28 3.12 -6.22
C TYR B 274 17.05 2.25 -5.00
N GLN B 275 16.65 2.87 -3.90
CA GLN B 275 16.42 2.15 -2.66
C GLN B 275 15.01 1.59 -2.60
N ILE B 276 14.04 2.40 -3.00
CA ILE B 276 12.63 2.04 -3.00
C ILE B 276 12.32 0.60 -3.47
N PRO B 277 12.62 0.27 -4.73
CA PRO B 277 12.34 -1.07 -5.20
C PRO B 277 12.99 -2.11 -4.33
N ALA B 278 14.32 -2.14 -4.35
CA ALA B 278 15.09 -3.10 -3.54
C ALA B 278 14.52 -3.23 -2.12
N LEU B 279 14.32 -2.09 -1.47
CA LEU B 279 13.77 -2.08 -0.13
C LEU B 279 12.44 -2.81 -0.07
N ALA B 280 11.62 -2.59 -1.09
CA ALA B 280 10.32 -3.22 -1.17
C ALA B 280 10.55 -4.70 -1.26
N GLN B 281 11.27 -5.11 -2.30
CA GLN B 281 11.59 -6.50 -2.55
C GLN B 281 12.28 -7.11 -1.34
N ALA B 282 12.78 -6.26 -0.45
CA ALA B 282 13.46 -6.74 0.74
C ALA B 282 12.40 -7.10 1.78
N GLY B 283 11.14 -7.08 1.36
CA GLY B 283 10.06 -7.41 2.26
C GLY B 283 9.54 -6.22 3.04
N PHE B 284 9.37 -5.09 2.36
CA PHE B 284 8.89 -3.91 3.06
C PHE B 284 7.98 -3.02 2.25
N ARG B 285 7.13 -2.27 2.97
CA ARG B 285 6.20 -1.34 2.36
C ARG B 285 6.82 0.02 2.50
N VAL B 286 7.44 0.50 1.41
CA VAL B 286 8.11 1.79 1.42
C VAL B 286 7.21 2.99 1.10
N LEU B 287 7.55 4.13 1.68
CA LEU B 287 6.79 5.35 1.47
C LEU B 287 7.68 6.52 1.11
N ALA B 288 8.24 6.50 -0.10
CA ALA B 288 9.10 7.59 -0.54
C ALA B 288 8.25 8.87 -0.55
N ILE B 289 8.28 9.60 0.55
CA ILE B 289 7.52 10.83 0.67
C ILE B 289 8.20 12.05 0.09
N ASP B 290 7.38 12.97 -0.41
CA ASP B 290 7.86 14.25 -0.94
C ASP B 290 7.75 15.18 0.28
N MET B 291 8.90 15.53 0.85
CA MET B 291 8.93 16.38 2.04
C MET B 291 8.17 17.69 1.83
N LYS B 292 7.50 18.15 2.89
CA LYS B 292 6.74 19.39 2.81
C LYS B 292 7.53 20.48 2.10
N GLY B 293 6.88 21.14 1.14
CA GLY B 293 7.55 22.20 0.40
C GLY B 293 8.03 21.73 -0.96
N TYR B 294 8.43 20.46 -1.06
CA TYR B 294 8.94 19.90 -2.32
C TYR B 294 7.91 19.15 -3.19
N GLY B 295 8.20 19.11 -4.49
CA GLY B 295 7.38 18.41 -5.46
C GLY B 295 5.87 18.55 -5.46
N ASP B 296 5.18 17.42 -5.28
CA ASP B 296 3.71 17.40 -5.29
C ASP B 296 2.99 17.64 -3.94
N SER B 297 3.76 17.92 -2.89
CA SER B 297 3.16 18.21 -1.59
C SER B 297 2.98 19.71 -1.48
N SER B 298 2.13 20.15 -0.57
CA SER B 298 1.90 21.57 -0.38
C SER B 298 3.24 22.21 -0.03
N SER B 299 3.50 23.38 -0.60
CA SER B 299 4.74 24.11 -0.37
C SER B 299 4.34 25.56 -0.03
N PRO B 300 3.87 25.79 1.20
CA PRO B 300 3.46 27.15 1.56
C PRO B 300 4.58 28.15 1.45
N PRO B 301 4.26 29.45 1.57
CA PRO B 301 5.25 30.52 1.49
C PRO B 301 5.72 30.96 2.89
N GLU B 302 4.93 30.65 3.91
CA GLU B 302 5.29 31.02 5.30
C GLU B 302 6.52 30.26 5.77
N ILE B 303 7.33 30.93 6.58
CA ILE B 303 8.55 30.32 7.12
C ILE B 303 8.25 29.43 8.31
N GLU B 304 7.42 29.94 9.22
CA GLU B 304 7.01 29.23 10.41
C GLU B 304 6.54 27.83 10.03
N GLU B 305 5.91 27.76 8.87
CA GLU B 305 5.37 26.52 8.32
C GLU B 305 6.39 25.37 8.27
N TYR B 306 7.67 25.72 8.36
CA TYR B 306 8.71 24.71 8.28
C TYR B 306 9.51 24.47 9.57
N ALA B 307 9.03 25.02 10.68
CA ALA B 307 9.71 24.81 11.95
C ALA B 307 9.82 23.31 12.06
N MET B 308 10.97 22.81 12.49
CA MET B 308 11.16 21.37 12.63
C MET B 308 10.09 20.80 13.56
N GLU B 309 9.72 21.58 14.57
CA GLU B 309 8.70 21.15 15.52
C GLU B 309 7.44 20.71 14.78
N LEU B 310 7.04 21.51 13.80
CA LEU B 310 5.86 21.24 13.00
C LEU B 310 6.07 20.06 12.05
N LEU B 311 7.11 20.14 11.23
CA LEU B 311 7.40 19.08 10.28
C LEU B 311 7.29 17.71 10.93
N CYS B 312 7.75 17.61 12.17
CA CYS B 312 7.73 16.35 12.90
C CYS B 312 6.31 16.02 13.28
N LYS B 313 5.59 17.02 13.80
CA LYS B 313 4.20 16.84 14.18
C LYS B 313 3.40 16.31 12.99
N GLU B 314 3.43 17.05 11.88
CA GLU B 314 2.72 16.66 10.68
C GLU B 314 3.16 15.28 10.24
N MET B 315 4.45 15.04 10.26
CA MET B 315 4.96 13.74 9.87
C MET B 315 4.13 12.71 10.62
N VAL B 316 3.87 13.00 11.91
CA VAL B 316 3.11 12.09 12.75
C VAL B 316 1.67 12.00 12.27
N THR B 317 1.05 13.15 12.05
CA THR B 317 -0.32 13.18 11.56
C THR B 317 -0.37 12.29 10.34
N PHE B 318 0.43 12.61 9.33
CA PHE B 318 0.48 11.81 8.10
C PHE B 318 0.38 10.32 8.38
N LEU B 319 0.89 9.88 9.52
CA LEU B 319 0.81 8.45 9.86
C LEU B 319 -0.61 8.12 10.27
N ASP B 320 -1.12 8.75 11.32
CA ASP B 320 -2.48 8.52 11.79
C ASP B 320 -3.42 8.45 10.61
N LYS B 321 -3.47 9.55 9.87
CA LYS B 321 -4.30 9.65 8.69
C LYS B 321 -4.21 8.37 7.85
N LEU B 322 -2.99 7.95 7.58
CA LEU B 322 -2.74 6.75 6.80
C LEU B 322 -3.00 5.46 7.58
N GLY B 323 -3.50 5.60 8.80
CA GLY B 323 -3.80 4.42 9.60
C GLY B 323 -2.61 3.57 10.02
N ILE B 324 -1.39 4.03 9.76
CA ILE B 324 -0.18 3.30 10.13
C ILE B 324 0.19 3.70 11.57
N PRO B 325 0.26 2.74 12.52
CA PRO B 325 0.60 3.07 13.91
C PRO B 325 2.10 3.17 14.22
N GLN B 326 2.94 2.76 13.27
CA GLN B 326 4.38 2.80 13.47
C GLN B 326 5.11 2.60 12.17
N ALA B 327 6.30 3.16 12.07
CA ALA B 327 7.11 3.05 10.86
C ALA B 327 8.59 3.15 11.13
N VAL B 328 9.37 2.81 10.11
CA VAL B 328 10.81 2.91 10.20
C VAL B 328 11.08 4.22 9.49
N PHE B 329 11.85 5.07 10.13
CA PHE B 329 12.16 6.34 9.55
C PHE B 329 13.61 6.42 9.15
N ILE B 330 13.83 6.48 7.85
CA ILE B 330 15.17 6.59 7.32
C ILE B 330 15.28 7.95 6.66
N GLY B 331 16.08 8.82 7.25
CA GLY B 331 16.25 10.14 6.70
C GLY B 331 17.66 10.46 6.23
N HIS B 332 17.75 11.44 5.36
CA HIS B 332 19.03 11.89 4.84
C HIS B 332 18.98 13.42 4.78
N ASP B 333 20.14 14.06 4.97
CA ASP B 333 20.20 15.51 4.93
C ASP B 333 19.25 16.13 5.96
N TRP B 334 18.58 17.20 5.56
CA TRP B 334 17.65 17.89 6.43
C TRP B 334 16.67 16.89 7.02
N ALA B 335 16.19 15.99 6.17
CA ALA B 335 15.24 14.96 6.58
C ALA B 335 15.83 14.26 7.78
N GLY B 336 17.04 13.73 7.58
CA GLY B 336 17.76 13.02 8.62
C GLY B 336 17.61 13.75 9.95
N VAL B 337 17.72 15.07 9.91
CA VAL B 337 17.58 15.85 11.14
C VAL B 337 16.22 15.53 11.75
N MET B 338 15.17 15.76 10.95
CA MET B 338 13.80 15.50 11.37
C MET B 338 13.68 14.08 11.92
N VAL B 339 14.13 13.12 11.13
CA VAL B 339 14.11 11.73 11.50
C VAL B 339 14.58 11.52 12.94
N TRP B 340 15.75 12.08 13.28
CA TRP B 340 16.32 11.96 14.64
C TRP B 340 15.43 12.64 15.67
N ASN B 341 14.77 13.73 15.25
CA ASN B 341 13.89 14.45 16.17
C ASN B 341 12.61 13.65 16.34
N MET B 342 12.26 12.94 15.28
CA MET B 342 11.06 12.11 15.30
C MET B 342 11.35 11.10 16.39
N ALA B 343 12.50 10.44 16.26
CA ALA B 343 12.91 9.43 17.22
C ALA B 343 12.93 10.04 18.61
N LEU B 344 13.44 11.25 18.68
CA LEU B 344 13.55 11.95 19.95
C LEU B 344 12.23 12.41 20.56
N PHE B 345 11.29 12.85 19.72
CA PHE B 345 10.01 13.35 20.25
C PHE B 345 8.83 12.37 20.19
N TYR B 346 8.89 11.43 19.26
CA TYR B 346 7.81 10.46 19.12
C TYR B 346 8.40 9.05 19.04
N PRO B 347 8.72 8.47 20.19
CA PRO B 347 9.30 7.12 20.24
C PRO B 347 8.27 6.07 19.80
N GLU B 348 7.07 6.20 20.36
CA GLU B 348 5.96 5.31 20.07
C GLU B 348 5.78 5.00 18.59
N ARG B 349 5.72 6.06 17.79
CA ARG B 349 5.50 5.91 16.35
C ARG B 349 6.73 5.52 15.53
N VAL B 350 7.92 5.52 16.13
CA VAL B 350 9.09 5.14 15.36
C VAL B 350 9.51 3.72 15.71
N ARG B 351 9.42 2.82 14.73
CA ARG B 351 9.82 1.43 14.97
C ARG B 351 11.33 1.47 15.10
N ALA B 352 11.95 2.22 14.18
CA ALA B 352 13.41 2.39 14.14
C ALA B 352 13.79 3.63 13.31
N VAL B 353 15.07 4.05 13.42
CA VAL B 353 15.58 5.22 12.69
C VAL B 353 16.95 4.97 12.07
N ALA B 354 17.15 5.56 10.90
CA ALA B 354 18.41 5.44 10.18
C ALA B 354 18.69 6.80 9.56
N SER B 355 19.93 7.25 9.61
CA SER B 355 20.28 8.53 9.03
C SER B 355 21.49 8.46 8.13
N LEU B 356 21.44 9.19 7.02
CA LEU B 356 22.54 9.21 6.08
C LEU B 356 23.25 10.54 6.18
N ASN B 357 24.56 10.49 6.40
CA ASN B 357 25.39 11.69 6.52
C ASN B 357 25.00 12.48 7.78
N THR B 358 23.77 12.98 7.81
CA THR B 358 23.26 13.76 8.93
C THR B 358 23.38 13.08 10.30
N PRO B 359 24.16 13.68 11.21
CA PRO B 359 24.40 13.15 12.56
C PRO B 359 23.46 13.80 13.55
N PHE B 360 23.33 13.21 14.73
CA PHE B 360 22.44 13.78 15.73
C PHE B 360 23.21 14.82 16.51
N MET B 361 22.93 16.09 16.22
CA MET B 361 23.63 17.19 16.88
C MET B 361 22.72 18.00 17.81
N PRO B 362 22.47 17.51 19.03
CA PRO B 362 21.62 18.26 19.95
C PRO B 362 22.11 19.71 20.05
N PRO B 363 21.23 20.63 20.44
CA PRO B 363 21.58 22.04 20.57
C PRO B 363 22.20 22.42 21.90
N ASP B 364 23.10 23.40 21.85
CA ASP B 364 23.76 23.91 23.04
C ASP B 364 22.81 24.91 23.69
N PRO B 365 22.46 24.68 24.95
CA PRO B 365 21.55 25.54 25.71
C PRO B 365 22.08 26.94 26.03
N ASP B 366 23.39 27.09 26.05
CA ASP B 366 24.01 28.37 26.36
C ASP B 366 24.81 28.87 25.18
N VAL B 367 24.41 28.45 23.98
CA VAL B 367 25.12 28.85 22.78
C VAL B 367 24.17 29.17 21.65
N SER B 368 23.86 30.45 21.47
CA SER B 368 22.97 30.89 20.39
C SER B 368 23.24 30.00 19.18
N PRO B 369 22.19 29.35 18.67
CA PRO B 369 22.26 28.44 17.51
C PRO B 369 22.84 29.13 16.28
N MET B 370 22.51 30.41 16.14
CA MET B 370 22.97 31.20 15.02
C MET B 370 24.47 31.38 15.05
N LYS B 371 24.97 31.67 16.25
CA LYS B 371 26.39 31.87 16.44
C LYS B 371 27.16 30.65 15.96
N VAL B 372 26.66 29.47 16.30
CA VAL B 372 27.30 28.23 15.90
C VAL B 372 27.37 28.11 14.37
N ILE B 373 26.58 28.92 13.67
CA ILE B 373 26.58 28.89 12.21
C ILE B 373 27.55 29.94 11.72
N ARG B 374 27.48 31.12 12.34
CA ARG B 374 28.36 32.24 11.99
C ARG B 374 29.79 31.76 12.20
N SER B 375 29.93 30.73 13.01
CA SER B 375 31.22 30.14 13.31
C SER B 375 31.66 29.17 12.20
N ILE B 376 31.18 27.92 12.26
CA ILE B 376 31.53 26.91 11.27
C ILE B 376 31.64 27.56 9.89
N PRO B 377 32.84 27.58 9.31
CA PRO B 377 33.16 28.16 8.00
C PRO B 377 32.47 27.50 6.81
N VAL B 378 32.26 26.19 6.91
CA VAL B 378 31.63 25.43 5.84
C VAL B 378 30.11 25.53 5.88
N PHE B 379 29.59 26.59 6.49
CA PHE B 379 28.15 26.79 6.60
C PHE B 379 27.76 28.17 6.07
N ASN B 380 28.66 28.79 5.34
CA ASN B 380 28.39 30.11 4.79
C ASN B 380 27.17 30.06 3.88
N TYR B 381 27.26 29.33 2.76
CA TYR B 381 26.16 29.21 1.81
C TYR B 381 24.87 29.14 2.60
N GLN B 382 24.90 28.30 3.62
CA GLN B 382 23.76 28.09 4.46
C GLN B 382 23.28 29.49 4.89
N LEU B 383 24.20 30.27 5.47
CA LEU B 383 23.91 31.64 5.91
C LEU B 383 23.31 32.43 4.76
N TYR B 384 23.91 32.30 3.60
CA TYR B 384 23.45 32.97 2.39
C TYR B 384 21.96 32.74 2.20
N PHE B 385 21.53 31.50 2.45
CA PHE B 385 20.14 31.10 2.32
C PHE B 385 19.20 31.86 3.23
N GLN B 386 19.71 32.22 4.40
CA GLN B 386 18.91 32.94 5.37
C GLN B 386 17.97 33.98 4.78
N GLU B 387 18.53 34.92 4.02
CA GLU B 387 17.73 35.98 3.40
C GLU B 387 16.78 35.48 2.30
N PRO B 388 15.46 35.58 2.56
CA PRO B 388 14.37 35.18 1.65
C PRO B 388 14.29 35.95 0.34
N GLY B 389 14.22 35.19 -0.76
CA GLY B 389 14.12 35.78 -2.09
C GLY B 389 15.47 35.70 -2.76
N VAL B 390 16.50 35.98 -1.98
CA VAL B 390 17.88 35.97 -2.44
C VAL B 390 18.26 34.60 -2.99
N ALA B 391 18.62 33.70 -2.08
CA ALA B 391 19.01 32.35 -2.45
C ALA B 391 18.11 31.88 -3.58
N GLU B 392 16.79 31.90 -3.33
CA GLU B 392 15.80 31.49 -4.31
C GLU B 392 16.18 31.98 -5.69
N ALA B 393 16.14 33.31 -5.84
CA ALA B 393 16.45 33.96 -7.10
C ALA B 393 17.63 33.36 -7.86
N GLU B 394 18.65 32.91 -7.13
CA GLU B 394 19.82 32.33 -7.78
C GLU B 394 19.57 30.92 -8.34
N LEU B 395 19.00 30.06 -7.50
CA LEU B 395 18.73 28.70 -7.90
C LEU B 395 17.63 28.59 -8.97
N GLU B 396 16.63 29.45 -8.88
CA GLU B 396 15.54 29.43 -9.84
C GLU B 396 15.92 29.97 -11.23
N LYS B 397 16.75 31.01 -11.26
CA LYS B 397 17.20 31.64 -12.51
C LYS B 397 17.50 30.64 -13.63
N ASN B 398 17.98 29.47 -13.25
CA ASN B 398 18.28 28.43 -14.23
C ASN B 398 18.43 27.11 -13.49
N MET B 399 17.33 26.38 -13.42
CA MET B 399 17.31 25.12 -12.73
C MET B 399 18.28 24.10 -13.31
N SER B 400 18.42 24.06 -14.64
CA SER B 400 19.34 23.11 -15.25
C SER B 400 20.67 23.08 -14.49
N ARG B 401 21.43 24.17 -14.60
CA ARG B 401 22.73 24.32 -13.93
C ARG B 401 22.54 24.05 -12.45
N THR B 402 21.70 24.86 -11.82
CA THR B 402 21.44 24.71 -10.41
C THR B 402 21.54 23.24 -9.98
N PHE B 403 20.99 22.35 -10.79
CA PHE B 403 21.01 20.94 -10.43
C PHE B 403 22.27 20.17 -10.77
N LYS B 404 22.62 20.13 -12.04
CA LYS B 404 23.85 19.42 -12.40
C LYS B 404 24.98 19.95 -11.50
N SER B 405 24.77 21.16 -10.96
CA SER B 405 25.72 21.81 -10.08
C SER B 405 25.72 21.14 -8.72
N PHE B 406 24.58 21.21 -8.03
CA PHE B 406 24.41 20.62 -6.72
C PHE B 406 24.82 19.16 -6.72
N PHE B 407 24.23 18.40 -7.64
CA PHE B 407 24.49 16.97 -7.78
C PHE B 407 25.77 16.62 -8.53
N ARG B 408 26.83 16.36 -7.78
CA ARG B 408 28.12 15.98 -8.34
C ARG B 408 28.74 14.96 -7.40
N ALA B 409 29.58 14.07 -7.96
CA ALA B 409 30.24 13.02 -7.20
C ALA B 409 31.30 13.50 -6.21
N SER B 410 31.73 12.61 -5.32
CA SER B 410 32.75 12.92 -4.33
C SER B 410 34.04 13.33 -5.05
N ASP B 411 34.28 12.71 -6.19
CA ASP B 411 35.46 12.97 -6.99
C ASP B 411 35.07 13.62 -8.31
N GLU B 412 34.59 14.86 -8.23
CA GLU B 412 34.17 15.59 -9.42
C GLU B 412 34.40 17.10 -9.25
N THR B 413 34.53 17.79 -10.38
CA THR B 413 34.78 19.24 -10.42
C THR B 413 33.54 20.08 -10.06
N GLY B 414 33.41 21.24 -10.72
CA GLY B 414 32.30 22.17 -10.53
C GLY B 414 31.52 22.21 -9.22
N PHE B 415 32.21 22.06 -8.10
CA PHE B 415 31.58 22.06 -6.78
C PHE B 415 30.80 23.33 -6.43
N ILE B 416 30.02 23.24 -5.36
CA ILE B 416 29.24 24.38 -4.89
C ILE B 416 30.16 25.24 -4.00
N ALA B 417 29.78 26.49 -3.76
CA ALA B 417 30.58 27.40 -2.93
C ALA B 417 30.03 27.49 -1.53
N VAL B 418 30.03 26.35 -0.83
CA VAL B 418 29.51 26.26 0.53
C VAL B 418 30.04 27.29 1.56
N HIS B 419 31.30 27.75 1.43
CA HIS B 419 31.80 28.73 2.40
C HIS B 419 31.99 30.14 1.87
N LYS B 420 32.31 30.26 0.58
CA LYS B 420 32.52 31.57 -0.04
C LYS B 420 31.19 32.30 -0.30
N ALA B 421 30.22 31.56 -0.83
CA ALA B 421 28.90 32.10 -1.14
C ALA B 421 28.75 33.58 -0.84
N THR B 422 28.40 33.89 0.40
CA THR B 422 28.19 35.27 0.87
C THR B 422 29.05 36.36 0.19
N GLU B 423 30.34 36.10 0.06
CA GLU B 423 31.27 37.05 -0.56
C GLU B 423 30.96 37.30 -2.01
N ILE B 424 31.13 36.27 -2.83
CA ILE B 424 30.88 36.39 -4.25
C ILE B 424 29.37 36.38 -4.54
N GLY B 425 28.57 36.49 -3.49
CA GLY B 425 27.12 36.48 -3.65
C GLY B 425 26.61 35.36 -4.54
N GLY B 426 26.39 34.19 -3.95
CA GLY B 426 25.90 33.06 -4.71
C GLY B 426 26.71 31.79 -4.53
N ILE B 427 26.10 30.66 -4.88
CA ILE B 427 26.73 29.35 -4.75
C ILE B 427 27.08 28.83 -6.13
N LEU B 428 26.23 29.17 -7.09
CA LEU B 428 26.44 28.77 -8.46
C LEU B 428 27.19 29.92 -9.10
N VAL B 429 27.49 30.90 -8.28
CA VAL B 429 28.21 32.10 -8.68
C VAL B 429 29.46 31.78 -9.54
N ASN B 430 30.48 31.19 -8.93
CA ASN B 430 31.69 30.85 -9.67
C ASN B 430 31.63 29.53 -10.43
N THR B 431 30.55 28.77 -10.25
CA THR B 431 30.39 27.49 -10.96
C THR B 431 30.28 27.76 -12.45
N PRO B 432 30.67 26.79 -13.28
CA PRO B 432 30.61 26.96 -14.73
C PRO B 432 29.31 27.57 -15.22
N GLU B 433 29.28 27.89 -16.49
CA GLU B 433 28.09 28.44 -17.09
C GLU B 433 27.19 27.23 -17.30
N ASP B 434 27.61 26.32 -18.18
CA ASP B 434 26.85 25.11 -18.42
C ASP B 434 27.64 23.95 -17.83
N PRO B 435 27.27 23.53 -16.62
CA PRO B 435 27.96 22.41 -15.95
C PRO B 435 27.94 21.17 -16.81
N ASN B 436 28.82 20.23 -16.49
CA ASN B 436 28.87 18.98 -17.22
C ASN B 436 27.97 17.98 -16.48
N LEU B 437 27.32 17.10 -17.23
CA LEU B 437 26.45 16.10 -16.62
C LEU B 437 27.30 15.19 -15.72
N SER B 438 26.99 15.17 -14.42
CA SER B 438 27.74 14.32 -13.50
C SER B 438 27.42 12.86 -13.78
N LYS B 439 28.44 12.01 -13.69
CA LYS B 439 28.26 10.58 -13.92
C LYS B 439 27.47 10.03 -12.73
N ILE B 440 26.39 10.70 -12.38
CA ILE B 440 25.58 10.29 -11.25
C ILE B 440 24.10 10.62 -11.46
N THR B 441 23.81 11.34 -12.54
CA THR B 441 22.45 11.70 -12.89
C THR B 441 22.35 11.79 -14.40
N THR B 442 21.26 11.28 -14.97
CA THR B 442 21.07 11.34 -16.41
C THR B 442 20.22 12.55 -16.70
N GLU B 443 20.45 13.18 -17.84
CA GLU B 443 19.70 14.38 -18.24
C GLU B 443 18.26 14.24 -17.76
N GLU B 444 17.64 13.14 -18.15
CA GLU B 444 16.27 12.85 -17.79
C GLU B 444 16.12 12.89 -16.27
N GLU B 445 16.99 12.16 -15.58
CA GLU B 445 16.96 12.14 -14.13
C GLU B 445 16.92 13.56 -13.59
N ILE B 446 17.65 14.46 -14.25
CA ILE B 446 17.69 15.84 -13.81
C ILE B 446 16.38 16.54 -14.16
N GLU B 447 15.91 16.33 -15.38
CA GLU B 447 14.68 16.96 -15.86
C GLU B 447 13.52 16.76 -14.91
N PHE B 448 13.45 15.58 -14.30
CA PHE B 448 12.37 15.32 -13.36
C PHE B 448 12.47 16.34 -12.23
N TYR B 449 13.67 16.45 -11.68
CA TYR B 449 13.92 17.39 -10.59
C TYR B 449 13.52 18.79 -11.01
N ILE B 450 13.76 19.09 -12.28
CA ILE B 450 13.42 20.39 -12.83
C ILE B 450 11.91 20.60 -12.80
N GLN B 451 11.21 19.72 -13.51
CA GLN B 451 9.75 19.81 -13.59
C GLN B 451 9.20 19.90 -12.19
N GLN B 452 9.71 19.04 -11.32
CA GLN B 452 9.28 19.04 -9.94
C GLN B 452 9.35 20.44 -9.35
N PHE B 453 10.55 21.01 -9.38
CA PHE B 453 10.79 22.33 -8.83
C PHE B 453 10.14 23.47 -9.59
N LYS B 454 9.89 23.26 -10.87
CA LYS B 454 9.24 24.28 -11.69
C LYS B 454 7.89 24.60 -11.06
N LYS B 455 7.22 23.56 -10.55
CA LYS B 455 5.90 23.71 -9.93
C LYS B 455 5.91 24.15 -8.46
N THR B 456 6.94 23.75 -7.73
CA THR B 456 7.04 24.10 -6.33
C THR B 456 7.80 25.41 -6.05
N GLY B 457 8.76 25.73 -6.91
CA GLY B 457 9.55 26.93 -6.70
C GLY B 457 10.70 26.53 -5.78
N PHE B 458 11.39 27.49 -5.20
CA PHE B 458 12.51 27.18 -4.31
C PHE B 458 12.35 27.74 -2.92
N ARG B 459 11.46 28.70 -2.74
CA ARG B 459 11.28 29.27 -1.41
C ARG B 459 11.03 28.17 -0.42
N GLY B 460 9.87 27.53 -0.55
CA GLY B 460 9.48 26.46 0.35
C GLY B 460 10.61 25.59 0.89
N PRO B 461 11.39 24.94 0.01
CA PRO B 461 12.49 24.09 0.48
C PRO B 461 13.48 24.83 1.36
N LEU B 462 13.88 26.01 0.91
CA LEU B 462 14.84 26.83 1.65
C LEU B 462 14.34 27.19 3.04
N ASN B 463 13.04 27.42 3.16
CA ASN B 463 12.44 27.77 4.45
C ASN B 463 12.81 26.75 5.53
N TRP B 464 13.43 25.66 5.10
CA TRP B 464 13.85 24.61 6.02
C TRP B 464 15.00 25.17 6.85
N TYR B 465 15.88 25.90 6.18
CA TYR B 465 17.04 26.53 6.80
C TYR B 465 16.62 27.65 7.75
N ARG B 466 15.74 28.50 7.26
CA ARG B 466 15.23 29.66 8.00
C ARG B 466 14.37 29.47 9.24
N ASN B 467 14.66 28.46 10.07
CA ASN B 467 13.85 28.25 11.29
C ASN B 467 14.74 27.94 12.49
N THR B 468 15.98 28.40 12.39
CA THR B 468 17.06 28.22 13.38
C THR B 468 16.77 28.45 14.86
N GLU B 469 16.27 29.62 15.19
CA GLU B 469 16.00 29.92 16.59
C GLU B 469 14.98 28.95 17.14
N ARG B 470 13.82 28.95 16.53
CA ARG B 470 12.71 28.09 16.91
C ARG B 470 13.19 26.65 17.06
N ASN B 471 13.85 26.13 16.04
CA ASN B 471 14.37 24.76 16.08
C ASN B 471 15.17 24.58 17.37
N TRP B 472 16.15 25.45 17.58
CA TRP B 472 17.00 25.42 18.77
C TRP B 472 16.14 25.37 20.02
N LYS B 473 15.24 26.33 20.15
CA LYS B 473 14.36 26.43 21.31
C LYS B 473 13.56 25.17 21.55
N TRP B 474 13.23 24.47 20.48
CA TRP B 474 12.46 23.23 20.56
C TRP B 474 13.32 22.02 20.97
N SER B 475 14.34 21.71 20.16
CA SER B 475 15.22 20.57 20.44
C SER B 475 15.85 20.64 21.82
N CYS B 476 15.76 21.80 22.45
CA CYS B 476 16.32 21.99 23.78
C CYS B 476 15.52 21.23 24.83
N LYS B 477 14.30 20.85 24.47
CA LYS B 477 13.43 20.12 25.40
C LYS B 477 13.86 18.67 25.55
N GLY B 478 14.36 18.10 24.46
CA GLY B 478 14.79 16.72 24.50
C GLY B 478 16.25 16.64 24.82
N LEU B 479 16.70 17.43 25.78
CA LEU B 479 18.10 17.42 26.14
C LEU B 479 18.36 16.49 27.32
N GLY B 480 17.36 16.31 28.17
CA GLY B 480 17.54 15.44 29.31
C GLY B 480 17.30 13.97 29.02
N ARG B 481 16.79 13.68 27.84
CA ARG B 481 16.50 12.31 27.45
C ARG B 481 17.45 11.85 26.36
N LYS B 482 17.23 10.64 25.85
CA LYS B 482 18.07 10.11 24.79
C LYS B 482 17.30 9.17 23.86
N ILE B 483 17.91 8.84 22.72
CA ILE B 483 17.30 7.96 21.74
C ILE B 483 17.49 6.52 22.16
N LEU B 484 16.42 5.92 22.67
CA LEU B 484 16.47 4.54 23.13
C LEU B 484 15.69 3.54 22.27
N VAL B 485 15.55 3.85 20.98
CA VAL B 485 14.88 2.98 20.02
C VAL B 485 15.97 2.59 19.03
N PRO B 486 15.79 1.47 18.30
CA PRO B 486 16.83 1.08 17.34
C PRO B 486 17.27 2.20 16.39
N ALA B 487 18.58 2.46 16.34
CA ALA B 487 19.10 3.53 15.48
C ALA B 487 20.27 3.10 14.60
N LEU B 488 20.41 3.83 13.50
CA LEU B 488 21.47 3.59 12.56
C LEU B 488 22.02 4.92 12.08
N MET B 489 23.34 5.05 12.08
CA MET B 489 23.98 6.26 11.64
C MET B 489 24.96 5.89 10.55
N VAL B 490 24.62 6.28 9.32
CA VAL B 490 25.47 5.97 8.20
C VAL B 490 26.23 7.21 7.78
N THR B 491 27.55 7.13 7.91
CA THR B 491 28.43 8.23 7.59
C THR B 491 29.07 8.13 6.20
N ALA B 492 29.17 9.28 5.53
CA ALA B 492 29.78 9.37 4.22
C ALA B 492 31.21 9.86 4.49
N GLU B 493 32.16 9.43 3.65
CA GLU B 493 33.55 9.82 3.84
C GLU B 493 33.91 11.19 3.26
N LYS B 494 33.90 11.30 1.92
CA LYS B 494 34.24 12.55 1.24
C LYS B 494 33.14 13.60 1.28
N ASP B 495 32.27 13.53 2.29
CA ASP B 495 31.19 14.50 2.42
C ASP B 495 31.78 15.76 3.01
N ILE B 496 31.95 16.76 2.14
CA ILE B 496 32.52 18.04 2.52
C ILE B 496 31.83 18.56 3.77
N VAL B 497 30.61 19.08 3.61
CA VAL B 497 29.84 19.55 4.75
C VAL B 497 29.24 18.25 5.28
N LEU B 498 28.70 18.25 6.50
CA LEU B 498 28.12 17.01 7.06
C LEU B 498 29.19 15.90 7.07
N ARG B 499 30.40 16.26 7.50
CA ARG B 499 31.51 15.31 7.55
C ARG B 499 31.22 14.23 8.60
N PRO B 500 31.74 13.01 8.39
CA PRO B 500 31.50 11.93 9.35
C PRO B 500 31.87 12.30 10.79
N GLU B 501 33.14 12.63 10.99
CA GLU B 501 33.70 13.00 12.30
C GLU B 501 32.77 13.84 13.17
N MET B 502 31.67 14.31 12.60
CA MET B 502 30.71 15.13 13.32
C MET B 502 29.74 14.28 14.14
N SER B 503 29.94 12.96 14.11
CA SER B 503 29.10 12.02 14.86
C SER B 503 29.77 11.60 16.17
N LYS B 504 30.99 11.07 16.03
CA LYS B 504 31.86 10.61 17.13
C LYS B 504 31.32 10.53 18.55
N ASN B 505 30.66 11.58 19.02
CA ASN B 505 30.12 11.62 20.38
C ASN B 505 28.61 11.43 20.39
N MET B 506 28.07 10.97 19.25
CA MET B 506 26.64 10.73 19.10
C MET B 506 26.16 9.70 20.13
N GLU B 507 27.05 8.76 20.47
CA GLU B 507 26.72 7.71 21.43
C GLU B 507 26.44 8.25 22.83
N LYS B 508 26.97 9.43 23.15
CA LYS B 508 26.74 10.03 24.45
C LYS B 508 25.23 10.16 24.61
N TRP B 509 24.58 10.31 23.46
CA TRP B 509 23.12 10.48 23.37
C TRP B 509 22.40 9.22 22.91
N ILE B 510 23.05 8.46 22.03
CA ILE B 510 22.43 7.26 21.48
C ILE B 510 23.27 6.00 21.70
N PRO B 511 23.13 5.36 22.87
CA PRO B 511 23.91 4.16 23.12
C PRO B 511 23.33 3.09 22.22
N PHE B 512 24.07 2.00 22.02
CA PHE B 512 23.60 0.91 21.17
C PHE B 512 23.51 1.35 19.73
N LEU B 513 23.65 2.65 19.50
CA LEU B 513 23.59 3.20 18.16
C LEU B 513 24.50 2.40 17.24
N LYS B 514 23.93 1.75 16.23
CA LYS B 514 24.74 0.97 15.29
C LYS B 514 25.18 1.94 14.22
N ARG B 515 26.29 1.65 13.55
CA ARG B 515 26.77 2.57 12.53
C ARG B 515 27.12 1.90 11.21
N GLY B 516 27.21 2.71 10.17
CA GLY B 516 27.56 2.20 8.86
C GLY B 516 28.36 3.32 8.24
N HIS B 517 29.39 2.98 7.47
CA HIS B 517 30.22 4.00 6.85
C HIS B 517 30.59 3.59 5.43
N ILE B 518 30.52 4.54 4.50
CA ILE B 518 30.87 4.26 3.10
C ILE B 518 32.00 5.17 2.59
N GLU B 519 32.93 4.58 1.85
CA GLU B 519 34.08 5.30 1.31
C GLU B 519 33.80 5.97 -0.03
N ASP B 520 34.68 6.90 -0.41
CA ASP B 520 34.56 7.64 -1.67
C ASP B 520 33.13 8.09 -1.97
N CYS B 521 32.39 8.44 -0.91
CA CYS B 521 31.01 8.87 -1.04
C CYS B 521 30.82 10.35 -0.71
N GLY B 522 30.20 11.09 -1.62
CA GLY B 522 29.96 12.51 -1.41
C GLY B 522 28.76 12.72 -0.52
N HIS B 523 27.97 13.76 -0.80
CA HIS B 523 26.78 14.04 0.00
C HIS B 523 25.57 13.29 -0.54
N TRP B 524 25.56 13.09 -1.86
CA TRP B 524 24.48 12.38 -2.53
C TRP B 524 24.74 10.89 -2.47
N THR B 525 24.62 10.35 -1.25
CA THR B 525 24.83 8.95 -0.94
C THR B 525 23.93 7.97 -1.71
N GLN B 526 22.61 8.20 -1.62
CA GLN B 526 21.62 7.37 -2.29
C GLN B 526 21.87 7.24 -3.79
N ILE B 527 22.43 8.29 -4.39
CA ILE B 527 22.69 8.29 -5.81
C ILE B 527 24.14 7.95 -6.17
N GLU B 528 25.07 8.20 -5.24
CA GLU B 528 26.48 7.91 -5.49
C GLU B 528 26.83 6.45 -5.24
N LYS B 529 26.56 5.99 -4.03
CA LYS B 529 26.85 4.60 -3.66
C LYS B 529 25.52 3.95 -3.29
N PRO B 530 24.66 3.74 -4.30
CA PRO B 530 23.34 3.13 -4.10
C PRO B 530 23.32 1.69 -3.62
N THR B 531 23.98 0.82 -4.39
CA THR B 531 24.03 -0.60 -4.07
C THR B 531 24.43 -0.82 -2.62
N GLU B 532 25.48 -0.13 -2.20
CA GLU B 532 25.94 -0.26 -0.82
C GLU B 532 24.85 0.26 0.11
N VAL B 533 24.45 1.51 -0.07
CA VAL B 533 23.39 2.11 0.76
C VAL B 533 22.29 1.10 1.00
N ASN B 534 21.90 0.43 -0.08
CA ASN B 534 20.86 -0.57 -0.01
C ASN B 534 21.30 -1.63 0.99
N GLN B 535 22.33 -2.39 0.60
CA GLN B 535 22.90 -3.44 1.45
C GLN B 535 22.87 -3.01 2.91
N ILE B 536 23.71 -2.05 3.23
CA ILE B 536 23.78 -1.55 4.59
C ILE B 536 22.40 -1.42 5.24
N LEU B 537 21.51 -0.72 4.54
CA LEU B 537 20.17 -0.49 5.04
C LEU B 537 19.41 -1.77 5.27
N ILE B 538 19.35 -2.60 4.24
CA ILE B 538 18.63 -3.88 4.31
C ILE B 538 19.16 -4.68 5.49
N LYS B 539 20.42 -5.09 5.39
CA LYS B 539 21.07 -5.87 6.41
C LYS B 539 20.79 -5.31 7.79
N TRP B 540 20.62 -4.00 7.85
CA TRP B 540 20.31 -3.32 9.11
C TRP B 540 18.92 -3.77 9.56
N LEU B 541 17.91 -3.41 8.77
CA LEU B 541 16.52 -3.74 9.07
C LEU B 541 16.42 -5.24 9.33
N GLN B 542 17.09 -6.00 8.46
CA GLN B 542 17.12 -7.45 8.56
C GLN B 542 17.46 -7.90 9.98
N THR B 543 18.53 -7.38 10.55
CA THR B 543 18.93 -7.76 11.90
C THR B 543 18.17 -7.01 13.01
N GLU B 544 16.91 -6.64 12.76
CA GLU B 544 16.07 -5.95 13.75
C GLU B 544 14.66 -5.64 13.23
C1 CDU C . -30.39 -3.69 -9.08
C2 CDU C . -30.23 -2.91 -7.70
C3 CDU C . -28.72 -2.63 -7.30
C4 CDU C . -27.77 -3.90 -7.54
C5 CDU C . -27.92 -4.55 -8.98
C6 CDU C . -29.44 -4.96 -9.17
N1 CDU C . -26.99 -5.76 -9.03
C8 CDU C . -26.72 -6.66 -10.02
O CDU C . -27.32 -6.47 -11.10
N2 CDU C . -25.91 -7.76 -10.00
C11 CDU C . -25.72 -8.69 -11.16
C12 CDU C . -24.77 -9.84 -10.81
C13 CDU C . -24.59 -10.83 -12.00
C14 CDU C . -23.51 -11.95 -11.75
C15 CDU C . -22.95 -12.66 -13.06
C16 CDU C . -23.81 -13.90 -13.49
C17 CDU C . -23.28 -14.61 -14.77
C18 CDU C . -24.17 -15.84 -15.18
C19 CDU C . -23.66 -16.57 -16.47
C20 CDU C . -24.54 -17.79 -16.85
C1 CDU D . 25.10 22.59 0.32
C2 CDU D . 25.19 21.58 -0.91
C3 CDU D . 23.96 20.57 -0.97
C4 CDU D . 23.56 19.97 0.45
C5 CDU D . 23.39 21.07 1.57
C6 CDU D . 24.75 21.87 1.69
N1 CDU D . 23.05 20.34 2.88
C8 CDU D . 22.79 20.80 4.15
O CDU D . 22.81 22.04 4.30
N2 CDU D . 22.54 20.09 5.29
C11 CDU D . 22.30 20.73 6.64
C12 CDU D . 22.08 19.67 7.72
C13 CDU D . 21.86 20.31 9.12
C14 CDU D . 23.08 20.14 10.10
C15 CDU D . 22.81 20.61 11.59
C16 CDU D . 22.13 22.01 11.67
C17 CDU D . 21.93 22.53 13.14
C18 CDU D . 20.46 23.05 13.39
C19 CDU D . 20.24 23.56 14.85
C20 CDU D . 18.79 24.06 15.09
#